data_8YH5
#
_entry.id   8YH5
#
_cell.length_a   1.00
_cell.length_b   1.00
_cell.length_c   1.00
_cell.angle_alpha   90.00
_cell.angle_beta   90.00
_cell.angle_gamma   90.00
#
_symmetry.space_group_name_H-M   'P 1'
#
loop_
_entity.id
_entity.type
_entity.pdbx_description
1 polymer 'Guanine nucleotide-binding protein G(I)/G(S)/G(T) subunit beta-1'
2 polymer 'Guanine nucleotide-binding protein G(I)/G(S)/G(O) subunit gamma-2,Guanine nucleotide-binding protein G(i) subunit alpha-1 chimera'
3 polymer scfv16
4 polymer 'Hemagglutinin,Adenosine receptor A3,GFP chimera'
5 non-polymer N-(3-methylbut-2-en-1-yl)adenosine
#
loop_
_entity_poly.entity_id
_entity_poly.type
_entity_poly.pdbx_seq_one_letter_code
_entity_poly.pdbx_strand_id
1 'polypeptide(L)'
;MGSLLQSELDQLRQEAEQLKNQIRDARKACADATLSQITNNIDPVGRIQMRTRRTLRGHLAKIYAMHWGTDSRLLVSASQ
DGKLIIWDSYTTNKVHAIPLRSSWVMTCAYAPSGNYVACGGLDNICSIYNLKTREGNVRVSRELAGHTGYLSCCRFLDDN
QIVTSSGDTTCALWDIETGQQTTTFTGHTGDVMSLSLAPDTRLFVSGACDASAKLWDVREGMCRQTFTGHESDINAICFF
PNGNAFATGSDDATCRLFDLRADQELMTYSHDNIICGITSVSFSKSGRLLLAGYDDFNCNVWDALKADRAGVLAGHDNRV
SCLGVTDDGMAVATGSWDSFLKIWNGASGGGSGGNSGSSGGSSGVSGWRLFKKIS
;
B
2 'polypeptide(L)'
;MASNNTASIAQARKLVEQLKMEANIDRIKVSKAAADLMAYCEAHAKEDPLLTPVPASENPFREKKFFCAILGSAGSAGSA
MCTLSAEDKAAVERSKMIDRNLREDGEKAAREVKLLLLGAGESGKSTIVKQMKIIHEAGYSEEECKQYKAVVYSNTIQSI
IAIIRAMGRLKIDFGDSARADDARQLFVLAGAAEEGFMTAELAGVIKRLWKDSGVQACFNRSREYQLNDSAAYYLNDLDR
IAQPNYIPTQQDVLRTRVKTTGIVETHFTFKDLHFKMFDVGGQRSERKKWIHCFEGVTAIIFCVALSDYDLVLAEDEEMN
RMHESMKLFDSICNNKWFTDTSIILFLNKKDLFEEKIKKSPLTICYPEYAGSNTYEEAAAYIQCQFEDLNKRKDTKEIYT
HFTCATDTKNVQFVFDAVTDVIIKNNLKDCGLF
;
G,A
3 'polypeptide(L)'
;DVQLVESGGGLVQPGGSRKLSCSASGFAFSSFGMHWVRQAPEKGLEWVAYISSGSGTIYYADTVKGRFTISRDDPKNTLF
LQMTSLRSEDTAMYYCVRSIYYYGSSPFDFWGQGTTLTVSSGGGGSGGGGSGGGGSDIVMTQATSSVPVTPGESVSISCR
SSKSLLHSNGNTYLYWFLQRPGQSPQLLIYRMSNLASGVPDRFSGSGSGTAFTLTISRLEAEDVGVYYCMQHLEYPLTFG
AGTKLELKAAAASSEDLYFQ
;
S
4 'polypeptide(L)'
;MKTIIALSYIFCLVFADYKDDDDAMGPVNSTAVSWTSVTYITVEILIGLCAIVGNVLVIWVVKLNPSLQTTTFYFIVSLA
LADIAVGVLVMPLAIVISLGVTIHFYSCLFMTCLMLIFTHASIMSLLAIAVDRYLRVKLTVRYRRVTTQRRIWLALGLCW
LVSFLVGLTPMFGWNMKLSSADENLTFLPCRFRSVMRMDYMVYFSFFLWILVPLVVMCAIYFDIFYIIRNRLSQSFSGSR
ETGAFYGREFKTAKSLLLVLFLFALCWLPLSIINCILYFDGQVPQTVLYLGILLSHANSMMNPIVYAYKIKKFKETYLLI
LKACVICQPSKSMDPSTEQTSEGSGGGGSGGSSSGGVFTLEDFVGDWEQTAAYNLDQVLEQGGVSSLLQNLAVSVTPIQR
IVRSGENALKIDIHVIIPYEGLSADQMAQIEEVFKVVYPVDDHHFKVILPYGTLVIDGVTPNMLNYFGRPYEGIAVFDGK
KITVTGTLWNGNKIIDERLITPDGSMLFRVTINSGGSGGGGSGGSSSGGLEVLFQGPGSAAAAVSKGEELFTGVVPILVE
LDGDVNGHKFSVSGEGEGDATYGKLTLKFICTTGKLPVPWPTLVTTLTYGVQCFSRYPDHMKQHDFFKSAMPEGYVQERT
IFFKDDGNYKTRAEVKFEGDTLVNRIELKGIDFKEDGNILGHKLEYNYNSHNVYIMADKQKNGIKVNFKIRHNIEDGSVQ
LADHYQQNTPIGDGPVLLPDNHYLSTQSKLSKDPNEKRDHMVLLEFVTAAGITLGMDELYKSGLRSHHHHHHHH
;
R
#
# COMPACT_ATOMS: atom_id res chain seq x y z
N ASP A 10 20.93 -39.13 -39.08
CA ASP A 10 20.84 -39.07 -37.58
C ASP A 10 20.00 -40.22 -37.05
N GLN A 11 20.38 -40.73 -35.88
CA GLN A 11 19.68 -41.83 -35.24
C GLN A 11 18.95 -41.41 -33.98
N LEU A 12 19.64 -40.77 -33.04
CA LEU A 12 18.98 -40.36 -31.80
C LEU A 12 17.96 -39.24 -32.04
N ARG A 13 18.23 -38.36 -33.00
CA ARG A 13 17.26 -37.32 -33.32
C ARG A 13 15.97 -37.92 -33.86
N GLN A 14 16.08 -38.90 -34.76
CA GLN A 14 14.90 -39.59 -35.26
C GLN A 14 14.16 -40.28 -34.14
N GLU A 15 14.90 -40.93 -33.23
CA GLU A 15 14.26 -41.62 -32.11
C GLU A 15 13.51 -40.64 -31.22
N ALA A 16 14.10 -39.49 -30.92
CA ALA A 16 13.41 -38.50 -30.09
C ALA A 16 12.18 -37.95 -30.80
N GLU A 17 12.31 -37.63 -32.09
CA GLU A 17 11.17 -37.08 -32.83
C GLU A 17 10.02 -38.07 -32.87
N GLN A 18 10.31 -39.33 -33.21
CA GLN A 18 9.25 -40.34 -33.26
C GLN A 18 8.70 -40.63 -31.87
N LEU A 19 9.54 -40.61 -30.84
CA LEU A 19 9.02 -40.77 -29.48
C LEU A 19 7.98 -39.70 -29.19
N LYS A 20 8.35 -38.43 -29.38
CA LYS A 20 7.38 -37.37 -29.12
C LYS A 20 6.11 -37.58 -29.94
N ASN A 21 6.27 -37.87 -31.24
CA ASN A 21 5.12 -37.97 -32.12
C ASN A 21 4.19 -39.11 -31.70
N GLN A 22 4.73 -40.30 -31.41
CA GLN A 22 3.88 -41.44 -31.11
C GLN A 22 3.34 -41.46 -29.69
N ILE A 23 4.05 -40.93 -28.70
CA ILE A 23 3.37 -40.73 -27.42
C ILE A 23 2.28 -39.66 -27.52
N ARG A 24 2.49 -38.62 -28.34
CA ARG A 24 1.39 -37.70 -28.59
C ARG A 24 0.22 -38.40 -29.28
N ASP A 25 0.51 -39.29 -30.22
CA ASP A 25 -0.54 -40.04 -30.90
C ASP A 25 -1.27 -40.95 -29.92
N ALA A 26 -0.55 -41.58 -28.99
CA ALA A 26 -1.19 -42.39 -27.96
C ALA A 26 -2.09 -41.54 -27.08
N ARG A 27 -1.64 -40.32 -26.72
CA ARG A 27 -2.49 -39.42 -25.97
C ARG A 27 -3.75 -39.09 -26.75
N LYS A 28 -3.61 -38.83 -28.05
CA LYS A 28 -4.75 -38.41 -28.86
C LYS A 28 -5.75 -39.55 -29.05
N ALA A 29 -5.26 -40.75 -29.38
CA ALA A 29 -6.17 -41.86 -29.69
C ALA A 29 -7.03 -42.23 -28.49
N CYS A 30 -6.44 -42.25 -27.30
CA CYS A 30 -7.16 -42.57 -26.08
C CYS A 30 -7.91 -41.37 -25.50
N ALA A 31 -7.78 -40.20 -26.11
CA ALA A 31 -8.54 -39.02 -25.68
C ALA A 31 -10.00 -39.19 -26.10
N ASP A 32 -10.91 -39.14 -25.13
CA ASP A 32 -12.32 -39.41 -25.41
C ASP A 32 -13.02 -38.16 -25.95
N ALA A 33 -13.07 -37.10 -25.15
CA ALA A 33 -13.76 -35.88 -25.56
C ALA A 33 -13.37 -34.75 -24.61
N THR A 34 -13.74 -33.53 -25.02
CA THR A 34 -13.50 -32.37 -24.17
C THR A 34 -14.45 -32.40 -22.98
N LEU A 35 -14.02 -31.74 -21.89
CA LEU A 35 -14.82 -31.75 -20.66
C LEU A 35 -16.15 -31.04 -20.88
N SER A 36 -16.15 -29.97 -21.68
CA SER A 36 -17.39 -29.26 -21.94
C SER A 36 -18.44 -30.18 -22.56
N GLN A 37 -18.01 -31.16 -23.35
CA GLN A 37 -18.96 -32.10 -23.96
C GLN A 37 -19.76 -32.85 -22.91
N ILE A 38 -19.18 -33.07 -21.73
CA ILE A 38 -19.86 -33.84 -20.68
C ILE A 38 -20.60 -32.92 -19.72
N THR A 39 -19.98 -31.82 -19.29
CA THR A 39 -20.57 -30.92 -18.31
C THR A 39 -21.43 -29.84 -18.94
N ASN A 40 -21.76 -29.96 -20.23
CA ASN A 40 -22.60 -28.96 -20.88
C ASN A 40 -23.98 -28.91 -20.23
N ASN A 41 -24.55 -30.07 -19.92
CA ASN A 41 -25.88 -30.14 -19.33
C ASN A 41 -25.91 -29.67 -17.89
N ILE A 42 -24.76 -29.51 -17.24
CA ILE A 42 -24.71 -29.05 -15.86
C ILE A 42 -25.06 -27.56 -15.82
N ASP A 43 -25.95 -27.19 -14.90
CA ASP A 43 -26.43 -25.83 -14.84
C ASP A 43 -25.29 -24.88 -14.46
N PRO A 44 -25.34 -23.63 -14.92
CA PRO A 44 -24.31 -22.66 -14.51
C PRO A 44 -24.48 -22.21 -13.07
N VAL A 45 -23.70 -21.22 -12.66
CA VAL A 45 -23.78 -20.66 -11.32
C VAL A 45 -24.47 -19.31 -11.29
N GLY A 46 -24.61 -18.65 -12.43
CA GLY A 46 -25.16 -17.30 -12.46
C GLY A 46 -24.07 -16.25 -12.28
N ARG A 47 -24.40 -15.16 -11.60
CA ARG A 47 -23.50 -14.04 -11.42
C ARG A 47 -23.07 -13.99 -9.95
N ILE A 48 -21.76 -14.11 -9.72
CA ILE A 48 -21.20 -13.96 -8.38
C ILE A 48 -20.84 -12.49 -8.23
N GLN A 49 -21.84 -11.68 -7.87
CA GLN A 49 -21.64 -10.26 -7.63
C GLN A 49 -21.09 -10.13 -6.22
N MET A 50 -19.81 -9.78 -6.14
CA MET A 50 -19.06 -9.83 -4.89
C MET A 50 -18.70 -8.42 -4.45
N ARG A 51 -18.84 -8.16 -3.16
CA ARG A 51 -18.71 -6.82 -2.59
C ARG A 51 -17.41 -6.67 -1.84
N THR A 52 -16.82 -5.47 -1.93
CA THR A 52 -15.64 -5.15 -1.15
C THR A 52 -16.04 -4.88 0.30
N ARG A 53 -15.61 -5.75 1.21
CA ARG A 53 -15.93 -5.59 2.62
C ARG A 53 -14.92 -4.70 3.32
N ARG A 54 -13.64 -5.03 3.23
CA ARG A 54 -12.58 -4.24 3.82
C ARG A 54 -11.78 -3.57 2.71
N THR A 55 -10.91 -2.64 3.10
CA THR A 55 -9.99 -1.97 2.18
C THR A 55 -8.68 -1.74 2.92
N LEU A 56 -7.67 -2.52 2.58
CA LEU A 56 -6.40 -2.52 3.30
C LEU A 56 -5.49 -1.46 2.68
N ARG A 57 -5.24 -0.39 3.44
CA ARG A 57 -4.40 0.75 2.96
C ARG A 57 -3.22 0.91 3.93
N GLY A 58 -2.02 1.17 3.42
CA GLY A 58 -0.80 1.28 4.23
C GLY A 58 0.41 1.09 3.35
N HIS A 59 0.32 0.20 2.35
CA HIS A 59 1.42 0.02 1.35
C HIS A 59 1.42 1.28 0.48
N LEU A 60 2.60 1.81 0.15
CA LEU A 60 2.74 3.05 -0.65
C LEU A 60 3.58 2.74 -1.90
N ALA A 61 3.42 1.54 -2.48
CA ALA A 61 4.13 1.12 -3.70
C ALA A 61 3.36 0.01 -4.40
N LYS A 62 3.66 -0.27 -5.68
CA LYS A 62 2.99 -1.33 -6.46
C LYS A 62 2.95 -2.64 -5.65
N ILE A 63 1.77 -3.25 -5.47
CA ILE A 63 1.69 -4.56 -4.83
C ILE A 63 2.00 -5.66 -5.85
N TYR A 64 2.69 -6.70 -5.40
CA TYR A 64 3.12 -7.79 -6.28
C TYR A 64 2.57 -9.14 -5.88
N ALA A 65 2.76 -9.56 -4.63
CA ALA A 65 2.41 -10.91 -4.22
C ALA A 65 1.66 -10.85 -2.90
N MET A 66 0.81 -11.85 -2.69
CA MET A 66 -0.07 -11.92 -1.53
C MET A 66 -0.40 -13.38 -1.26
N HIS A 67 -0.20 -13.79 -0.01
CA HIS A 67 -0.43 -15.18 0.39
C HIS A 67 -1.32 -15.21 1.62
N TRP A 68 -2.26 -16.14 1.63
CA TRP A 68 -3.18 -16.27 2.75
C TRP A 68 -2.53 -17.02 3.90
N GLY A 69 -3.06 -16.77 5.09
CA GLY A 69 -2.61 -17.48 6.26
C GLY A 69 -3.09 -18.92 6.28
N THR A 70 -2.43 -19.72 7.12
CA THR A 70 -2.86 -21.09 7.31
C THR A 70 -4.14 -21.21 8.11
N ASP A 71 -4.50 -20.17 8.86
CA ASP A 71 -5.73 -20.13 9.65
C ASP A 71 -6.82 -19.29 8.99
N SER A 72 -6.60 -18.88 7.75
CA SER A 72 -7.56 -18.05 7.01
C SER A 72 -7.83 -16.72 7.70
N ARG A 73 -6.85 -16.17 8.42
CA ARG A 73 -7.05 -14.90 9.09
C ARG A 73 -6.01 -13.86 8.73
N LEU A 74 -4.74 -14.27 8.62
CA LEU A 74 -3.65 -13.34 8.42
C LEU A 74 -3.27 -13.28 6.94
N LEU A 75 -2.56 -12.21 6.59
CA LEU A 75 -2.17 -11.96 5.21
C LEU A 75 -0.72 -11.46 5.17
N VAL A 76 -0.07 -11.70 4.05
CA VAL A 76 1.26 -11.17 3.77
C VAL A 76 1.21 -10.45 2.43
N SER A 77 1.84 -9.28 2.35
CA SER A 77 1.82 -8.48 1.14
C SER A 77 3.18 -7.86 0.89
N ALA A 78 3.66 -7.99 -0.34
CA ALA A 78 4.95 -7.44 -0.76
C ALA A 78 4.77 -6.35 -1.80
N SER A 79 5.43 -5.21 -1.60
CA SER A 79 5.31 -4.04 -2.51
C SER A 79 6.69 -3.58 -2.97
N GLN A 80 6.76 -2.50 -3.75
CA GLN A 80 8.05 -1.95 -4.26
C GLN A 80 8.60 -0.98 -3.22
N ASP A 81 7.89 -0.78 -2.09
CA ASP A 81 8.33 0.11 -0.99
C ASP A 81 9.25 -0.68 -0.05
N GLY A 82 9.60 -1.93 -0.39
CA GLY A 82 10.44 -2.77 0.43
C GLY A 82 9.86 -3.03 1.80
N LYS A 83 8.55 -3.26 1.85
CA LYS A 83 7.85 -3.50 3.11
C LYS A 83 6.98 -4.74 2.97
N LEU A 84 7.26 -5.74 3.78
CA LEU A 84 6.41 -6.93 3.92
C LEU A 84 5.61 -6.76 5.19
N ILE A 85 4.28 -6.68 5.05
CA ILE A 85 3.40 -6.31 6.14
C ILE A 85 2.42 -7.46 6.36
N ILE A 86 2.31 -7.91 7.60
CA ILE A 86 1.37 -8.97 7.96
C ILE A 86 0.12 -8.29 8.51
N TRP A 87 -1.04 -8.61 7.95
CA TRP A 87 -2.28 -7.94 8.32
C TRP A 87 -3.22 -8.91 9.01
N ASP A 88 -4.20 -8.35 9.73
CA ASP A 88 -5.33 -9.12 10.24
C ASP A 88 -6.55 -8.74 9.39
N SER A 89 -7.18 -9.74 8.78
CA SER A 89 -8.27 -9.51 7.84
C SER A 89 -9.60 -9.23 8.52
N TYR A 90 -9.76 -9.59 9.80
CA TYR A 90 -11.01 -9.36 10.50
C TYR A 90 -11.16 -7.95 11.05
N THR A 91 -10.06 -7.21 11.18
CA THR A 91 -10.11 -5.86 11.75
C THR A 91 -9.21 -4.89 10.98
N THR A 92 -8.66 -5.32 9.85
CA THR A 92 -7.81 -4.46 9.05
C THR A 92 -6.68 -3.90 9.93
N ASN A 93 -6.15 -4.71 10.81
CA ASN A 93 -5.08 -4.30 11.71
C ASN A 93 -3.74 -4.80 11.18
N LYS A 94 -2.71 -3.99 11.37
CA LYS A 94 -1.38 -4.26 10.87
C LYS A 94 -0.61 -5.01 11.96
N VAL A 95 -0.61 -6.34 11.86
CA VAL A 95 -0.03 -7.15 12.93
C VAL A 95 1.47 -6.96 13.00
N HIS A 96 2.15 -7.01 11.86
CA HIS A 96 3.60 -6.86 11.80
C HIS A 96 3.99 -6.02 10.60
N ALA A 97 5.16 -5.39 10.70
CA ALA A 97 5.74 -4.61 9.60
C ALA A 97 7.21 -4.95 9.47
N ILE A 98 7.59 -5.50 8.34
CA ILE A 98 8.92 -6.06 8.11
C ILE A 98 9.65 -5.16 7.11
N PRO A 99 10.71 -4.47 7.51
CA PRO A 99 11.52 -3.72 6.54
C PRO A 99 12.53 -4.64 5.86
N LEU A 100 12.39 -4.81 4.55
CA LEU A 100 13.27 -5.68 3.78
C LEU A 100 14.54 -4.94 3.37
N ARG A 101 15.51 -5.69 2.87
CA ARG A 101 16.76 -5.10 2.41
C ARG A 101 16.65 -4.64 0.96
N SER A 102 16.31 -5.56 0.06
CA SER A 102 16.14 -5.26 -1.35
C SER A 102 14.65 -5.15 -1.67
N SER A 103 14.24 -3.99 -2.18
CA SER A 103 12.84 -3.70 -2.42
C SER A 103 12.28 -4.41 -3.64
N TRP A 104 13.14 -4.91 -4.51
CA TRP A 104 12.72 -5.60 -5.74
C TRP A 104 12.20 -6.99 -5.38
N VAL A 105 11.03 -6.98 -4.77
CA VAL A 105 10.43 -8.18 -4.19
C VAL A 105 9.18 -8.50 -4.99
N MET A 106 9.18 -9.65 -5.65
CA MET A 106 8.08 -10.06 -6.51
C MET A 106 7.35 -11.29 -6.04
N THR A 107 7.68 -11.81 -4.86
CA THR A 107 7.05 -13.05 -4.40
C THR A 107 7.42 -13.30 -2.95
N CYS A 108 6.44 -13.77 -2.19
CA CYS A 108 6.69 -14.36 -0.88
C CYS A 108 5.40 -14.80 -0.22
N ALA A 109 5.54 -15.74 0.71
CA ALA A 109 4.41 -16.54 1.18
C ALA A 109 4.50 -16.75 2.69
N TYR A 110 3.49 -17.42 3.22
CA TYR A 110 3.27 -17.55 4.66
C TYR A 110 3.42 -19.01 5.05
N ALA A 111 4.28 -19.27 6.03
CA ALA A 111 4.54 -20.63 6.44
C ALA A 111 3.26 -21.29 6.96
N PRO A 112 3.06 -22.58 6.69
CA PRO A 112 1.82 -23.25 7.13
C PRO A 112 1.66 -23.30 8.64
N SER A 113 2.73 -23.12 9.41
CA SER A 113 2.66 -23.09 10.86
C SER A 113 2.69 -21.67 11.41
N GLY A 114 2.64 -20.66 10.55
CA GLY A 114 2.65 -19.29 10.99
C GLY A 114 3.91 -18.87 11.70
N ASN A 115 4.97 -19.67 11.62
CA ASN A 115 6.21 -19.39 12.32
C ASN A 115 7.12 -18.47 11.51
N TYR A 116 7.25 -18.75 10.21
CA TYR A 116 8.22 -18.08 9.37
C TYR A 116 7.54 -17.45 8.15
N VAL A 117 8.14 -16.36 7.67
CA VAL A 117 7.77 -15.75 6.41
C VAL A 117 9.05 -15.48 5.64
N ALA A 118 9.16 -16.03 4.44
CA ALA A 118 10.36 -15.93 3.62
C ALA A 118 10.06 -15.11 2.38
N CYS A 119 10.88 -14.10 2.10
CA CYS A 119 10.46 -13.13 1.10
C CYS A 119 11.67 -12.43 0.49
N GLY A 120 11.78 -12.53 -0.84
CA GLY A 120 12.88 -11.96 -1.58
C GLY A 120 12.54 -11.80 -3.04
N GLY A 121 13.55 -11.49 -3.85
CA GLY A 121 13.32 -11.18 -5.25
C GLY A 121 14.56 -11.02 -6.11
N LEU A 122 14.58 -9.99 -6.95
CA LEU A 122 15.62 -9.79 -7.96
C LEU A 122 17.03 -10.08 -7.44
N ASP A 123 17.31 -9.81 -6.18
CA ASP A 123 18.65 -10.01 -5.65
C ASP A 123 19.03 -11.48 -5.48
N ASN A 124 18.19 -12.40 -5.96
CA ASN A 124 18.52 -13.82 -6.10
C ASN A 124 18.65 -14.54 -4.77
N ILE A 125 18.24 -13.92 -3.66
CA ILE A 125 18.31 -14.54 -2.34
C ILE A 125 16.89 -14.67 -1.81
N CYS A 126 16.53 -15.87 -1.39
CA CYS A 126 15.22 -16.13 -0.79
C CYS A 126 15.38 -16.05 0.72
N SER A 127 15.20 -14.85 1.26
CA SER A 127 15.37 -14.62 2.70
C SER A 127 14.21 -15.20 3.48
N ILE A 128 14.49 -15.64 4.71
CA ILE A 128 13.51 -16.26 5.58
C ILE A 128 13.46 -15.44 6.87
N TYR A 129 12.24 -15.07 7.29
CA TYR A 129 12.05 -14.28 8.49
C TYR A 129 11.29 -15.08 9.54
N ASN A 130 11.61 -14.82 10.80
CA ASN A 130 11.03 -15.53 11.94
C ASN A 130 10.19 -14.55 12.74
N LEU A 131 8.96 -14.94 13.07
CA LEU A 131 8.02 -14.06 13.75
C LEU A 131 7.91 -14.34 15.24
N LYS A 132 7.56 -15.57 15.61
CA LYS A 132 7.29 -15.90 17.01
C LYS A 132 8.60 -16.02 17.77
N THR A 133 9.31 -14.90 17.85
CA THR A 133 10.59 -14.85 18.51
C THR A 133 10.40 -14.56 20.01
N ARG A 134 11.47 -14.74 20.77
CA ARG A 134 11.45 -14.47 22.21
C ARG A 134 11.58 -12.99 22.53
N GLU A 135 12.02 -12.16 21.57
CA GLU A 135 12.20 -10.74 21.81
C GLU A 135 11.04 -9.89 21.30
N GLY A 136 10.06 -10.49 20.64
CA GLY A 136 8.90 -9.76 20.17
C GLY A 136 9.05 -9.10 18.83
N ASN A 137 10.24 -9.12 18.24
CA ASN A 137 10.49 -8.54 16.92
C ASN A 137 10.63 -9.67 15.90
N VAL A 138 10.99 -9.30 14.68
CA VAL A 138 11.10 -10.23 13.57
C VAL A 138 12.53 -10.15 13.06
N ARG A 139 13.18 -11.30 12.96
CA ARG A 139 14.54 -11.38 12.46
C ARG A 139 14.61 -12.37 11.30
N VAL A 140 15.64 -12.21 10.47
CA VAL A 140 15.85 -13.10 9.33
C VAL A 140 16.50 -14.38 9.83
N SER A 141 15.86 -15.51 9.59
CA SER A 141 16.39 -16.78 10.08
C SER A 141 17.56 -17.25 9.23
N ARG A 142 17.33 -17.51 7.95
CA ARG A 142 18.38 -17.95 7.05
C ARG A 142 18.09 -17.41 5.66
N GLU A 143 19.07 -16.76 5.06
CA GLU A 143 18.94 -16.22 3.71
C GLU A 143 19.53 -17.24 2.73
N LEU A 144 18.69 -17.72 1.82
CA LEU A 144 19.08 -18.77 0.89
C LEU A 144 19.72 -18.14 -0.35
N ALA A 145 21.04 -18.20 -0.44
CA ALA A 145 21.78 -17.61 -1.54
C ALA A 145 22.38 -18.71 -2.41
N GLY A 146 22.55 -18.40 -3.69
CA GLY A 146 23.13 -19.36 -4.62
C GLY A 146 22.56 -19.31 -6.01
N HIS A 147 21.45 -18.60 -6.21
CA HIS A 147 20.89 -18.41 -7.54
C HIS A 147 21.61 -17.28 -8.26
N THR A 148 21.49 -17.31 -9.59
CA THR A 148 22.09 -16.30 -10.45
C THR A 148 21.04 -15.50 -11.22
N GLY A 149 19.78 -15.57 -10.81
CA GLY A 149 18.75 -14.81 -11.47
C GLY A 149 17.58 -14.55 -10.54
N TYR A 150 16.66 -13.72 -11.01
CA TYR A 150 15.56 -13.28 -10.15
C TYR A 150 14.70 -14.47 -9.74
N LEU A 151 14.23 -14.41 -8.50
CA LEU A 151 13.43 -15.47 -7.90
C LEU A 151 11.95 -15.20 -8.17
N SER A 152 11.12 -16.21 -7.89
CA SER A 152 9.68 -16.06 -8.07
C SER A 152 8.97 -17.25 -7.43
N CYS A 153 7.84 -16.96 -6.76
CA CYS A 153 6.98 -17.97 -6.14
C CYS A 153 7.77 -18.90 -5.22
N CYS A 154 8.30 -18.31 -4.15
CA CYS A 154 8.77 -19.10 -3.02
C CYS A 154 7.57 -19.75 -2.34
N ARG A 155 7.78 -20.95 -1.80
CA ARG A 155 6.68 -21.68 -1.17
C ARG A 155 7.26 -22.52 -0.04
N PHE A 156 6.58 -22.54 1.11
CA PHE A 156 7.03 -23.33 2.23
C PHE A 156 6.42 -24.73 2.18
N LEU A 157 7.25 -25.75 2.33
CA LEU A 157 6.77 -27.12 2.49
C LEU A 157 6.60 -27.45 3.97
N ASP A 158 7.69 -27.33 4.74
CA ASP A 158 7.64 -27.41 6.20
C ASP A 158 8.38 -26.21 6.76
N ASP A 159 8.62 -26.20 8.07
CA ASP A 159 9.40 -25.14 8.68
C ASP A 159 10.88 -25.21 8.31
N ASN A 160 11.32 -26.29 7.64
CA ASN A 160 12.70 -26.44 7.23
C ASN A 160 12.82 -26.92 5.78
N GLN A 161 11.88 -26.52 4.91
CA GLN A 161 11.84 -27.05 3.56
C GLN A 161 11.05 -26.09 2.69
N ILE A 162 11.74 -25.43 1.75
CA ILE A 162 11.14 -24.35 0.95
C ILE A 162 11.51 -24.57 -0.51
N VAL A 163 10.54 -24.32 -1.41
CA VAL A 163 10.71 -24.50 -2.85
C VAL A 163 10.78 -23.13 -3.52
N THR A 164 11.78 -22.92 -4.37
CA THR A 164 11.97 -21.62 -5.01
C THR A 164 12.23 -21.79 -6.50
N SER A 165 11.58 -20.96 -7.31
CA SER A 165 11.88 -20.81 -8.72
C SER A 165 12.73 -19.56 -8.94
N SER A 166 13.24 -19.42 -10.16
CA SER A 166 14.06 -18.26 -10.49
C SER A 166 14.08 -18.04 -11.99
N GLY A 167 14.88 -17.05 -12.40
CA GLY A 167 15.15 -16.77 -13.78
C GLY A 167 16.30 -17.56 -14.37
N ASP A 168 16.97 -18.37 -13.58
CA ASP A 168 18.02 -19.25 -14.06
C ASP A 168 17.47 -20.52 -14.70
N THR A 169 16.18 -20.55 -15.01
CA THR A 169 15.55 -21.70 -15.66
C THR A 169 15.51 -22.92 -14.75
N THR A 170 15.66 -22.73 -13.44
CA THR A 170 15.77 -23.84 -12.52
C THR A 170 15.12 -23.50 -11.18
N CYS A 171 14.41 -24.48 -10.63
CA CYS A 171 13.88 -24.41 -9.28
C CYS A 171 14.76 -25.22 -8.34
N ALA A 172 14.97 -24.72 -7.13
CA ALA A 172 15.88 -25.36 -6.15
C ALA A 172 15.17 -25.64 -4.84
N LEU A 173 15.14 -26.89 -4.38
CA LEU A 173 14.60 -27.21 -3.04
C LEU A 173 15.72 -26.87 -2.06
N TRP A 174 15.44 -26.12 -1.01
CA TRP A 174 16.50 -25.68 -0.06
C TRP A 174 16.30 -26.32 1.32
N ASP A 175 17.37 -26.35 2.12
CA ASP A 175 17.32 -26.86 3.48
C ASP A 175 17.58 -25.68 4.41
N ILE A 176 16.51 -25.16 5.03
CA ILE A 176 16.63 -23.92 5.78
C ILE A 176 17.63 -24.03 6.92
N GLU A 177 17.61 -25.15 7.66
CA GLU A 177 18.57 -25.32 8.75
C GLU A 177 20.00 -25.23 8.23
N THR A 178 20.39 -26.18 7.38
CA THR A 178 21.76 -26.21 6.88
C THR A 178 22.08 -24.99 6.04
N GLY A 179 21.15 -24.58 5.19
CA GLY A 179 21.36 -23.44 4.30
C GLY A 179 21.89 -23.81 2.93
N GLN A 180 21.82 -25.08 2.54
CA GLN A 180 22.30 -25.53 1.24
C GLN A 180 21.14 -26.04 0.40
N GLN A 181 21.36 -26.04 -0.91
CA GLN A 181 20.36 -26.50 -1.88
C GLN A 181 20.44 -28.01 -1.97
N THR A 182 19.52 -28.69 -1.29
CA THR A 182 19.53 -30.15 -1.28
C THR A 182 19.31 -30.71 -2.68
N THR A 183 18.38 -30.13 -3.43
CA THR A 183 18.01 -30.61 -4.74
C THR A 183 17.90 -29.44 -5.72
N THR A 184 18.12 -29.75 -6.99
CA THR A 184 17.99 -28.76 -8.07
C THR A 184 17.09 -29.34 -9.14
N PHE A 185 16.15 -28.55 -9.62
CA PHE A 185 15.20 -28.97 -10.65
C PHE A 185 15.48 -28.16 -11.92
N THR A 186 16.34 -28.69 -12.77
CA THR A 186 16.65 -28.08 -14.06
C THR A 186 15.86 -28.75 -15.16
N GLY A 187 15.78 -28.07 -16.31
CA GLY A 187 15.06 -28.60 -17.45
C GLY A 187 14.30 -27.55 -18.23
N HIS A 188 14.23 -26.33 -17.72
CA HIS A 188 13.51 -25.27 -18.39
C HIS A 188 14.44 -24.51 -19.35
N THR A 189 13.83 -23.93 -20.37
CA THR A 189 14.54 -23.17 -21.41
C THR A 189 14.13 -21.71 -21.35
N GLY A 190 14.05 -21.18 -20.13
CA GLY A 190 13.65 -19.81 -19.92
C GLY A 190 13.39 -19.57 -18.45
N ASP A 191 13.18 -18.30 -18.12
CA ASP A 191 12.98 -17.95 -16.72
C ASP A 191 11.74 -18.65 -16.18
N VAL A 192 11.90 -19.30 -15.02
CA VAL A 192 10.79 -19.95 -14.33
C VAL A 192 10.21 -18.92 -13.37
N MET A 193 9.08 -18.33 -13.74
CA MET A 193 8.57 -17.17 -13.01
C MET A 193 7.40 -17.50 -12.10
N SER A 194 6.97 -18.77 -12.02
CA SER A 194 5.90 -19.11 -11.10
C SER A 194 5.97 -20.60 -10.76
N LEU A 195 5.64 -20.90 -9.51
CA LEU A 195 5.45 -22.28 -9.07
C LEU A 195 4.43 -22.28 -7.94
N SER A 196 3.82 -23.44 -7.73
CA SER A 196 2.86 -23.62 -6.65
C SER A 196 3.10 -24.99 -6.02
N LEU A 197 3.07 -25.05 -4.69
CA LEU A 197 3.20 -26.32 -4.00
C LEU A 197 1.91 -27.11 -4.09
N ALA A 198 2.03 -28.42 -4.17
CA ALA A 198 0.86 -29.26 -4.17
C ALA A 198 0.21 -29.26 -2.79
N PRO A 199 -1.09 -29.55 -2.69
CA PRO A 199 -1.71 -29.62 -1.37
C PRO A 199 -1.07 -30.64 -0.46
N ASP A 200 -0.58 -31.76 -1.00
CA ASP A 200 0.10 -32.78 -0.20
C ASP A 200 1.55 -32.42 0.10
N THR A 201 2.07 -31.35 -0.50
CA THR A 201 3.41 -30.86 -0.19
C THR A 201 4.48 -31.89 -0.56
N ARG A 202 4.29 -32.57 -1.69
CA ARG A 202 5.27 -33.49 -2.24
C ARG A 202 5.50 -33.31 -3.73
N LEU A 203 4.61 -32.61 -4.43
CA LEU A 203 4.76 -32.32 -5.85
C LEU A 203 4.61 -30.82 -6.04
N PHE A 204 5.18 -30.30 -7.12
CA PHE A 204 5.03 -28.88 -7.41
C PHE A 204 5.22 -28.66 -8.91
N VAL A 205 4.41 -27.76 -9.45
CA VAL A 205 4.41 -27.43 -10.86
C VAL A 205 4.92 -26.00 -11.03
N SER A 206 5.75 -25.80 -12.04
CA SER A 206 6.35 -24.51 -12.31
C SER A 206 6.14 -24.15 -13.77
N GLY A 207 5.86 -22.87 -14.02
CA GLY A 207 5.72 -22.34 -15.37
C GLY A 207 6.90 -21.47 -15.70
N ALA A 208 7.40 -21.59 -16.92
CA ALA A 208 8.60 -20.89 -17.35
C ALA A 208 8.28 -20.00 -18.54
N CYS A 209 9.24 -19.15 -18.87
CA CYS A 209 9.06 -18.13 -19.91
C CYS A 209 9.11 -18.70 -21.32
N ASP A 210 9.41 -19.99 -21.48
CA ASP A 210 9.39 -20.64 -22.78
C ASP A 210 8.04 -21.31 -23.08
N ALA A 211 6.96 -20.77 -22.51
CA ALA A 211 5.60 -21.20 -22.84
C ALA A 211 5.41 -22.70 -22.60
N SER A 212 5.88 -23.18 -21.44
CA SER A 212 5.70 -24.57 -21.08
C SER A 212 5.85 -24.71 -19.57
N ALA A 213 5.04 -25.57 -18.98
CA ALA A 213 5.09 -25.86 -17.56
C ALA A 213 5.35 -27.34 -17.34
N LYS A 214 6.22 -27.63 -16.37
CA LYS A 214 6.65 -29.00 -16.12
C LYS A 214 6.42 -29.35 -14.65
N LEU A 215 5.67 -30.42 -14.42
CA LEU A 215 5.44 -30.92 -13.07
C LEU A 215 6.72 -31.58 -12.58
N TRP A 216 7.16 -31.19 -11.40
CA TRP A 216 8.43 -31.65 -10.85
C TRP A 216 8.22 -32.29 -9.48
N ASP A 217 9.06 -33.28 -9.16
CA ASP A 217 8.99 -33.99 -7.85
C ASP A 217 10.03 -33.35 -6.93
N VAL A 218 9.62 -32.90 -5.74
CA VAL A 218 10.53 -32.22 -4.78
C VAL A 218 11.39 -33.26 -4.06
N ARG A 219 11.00 -34.54 -4.12
CA ARG A 219 11.72 -35.62 -3.39
C ARG A 219 12.98 -36.05 -4.15
N GLU A 220 12.87 -36.61 -5.36
CA GLU A 220 14.01 -37.12 -6.11
C GLU A 220 14.53 -36.14 -7.16
N GLY A 221 13.96 -34.94 -7.24
CA GLY A 221 14.40 -33.99 -8.25
C GLY A 221 14.21 -34.48 -9.67
N MET A 222 13.11 -35.20 -9.93
CA MET A 222 12.86 -35.81 -11.22
C MET A 222 11.73 -35.08 -11.94
N CYS A 223 11.97 -34.70 -13.19
CA CYS A 223 10.96 -33.99 -13.99
C CYS A 223 9.94 -35.00 -14.47
N ARG A 224 8.78 -35.06 -13.80
CA ARG A 224 7.74 -36.08 -14.11
C ARG A 224 6.97 -35.71 -15.37
N GLN A 225 6.29 -34.56 -15.40
CA GLN A 225 5.41 -34.17 -16.54
C GLN A 225 5.94 -32.89 -17.18
N THR A 226 5.55 -32.60 -18.42
CA THR A 226 5.92 -31.36 -19.15
C THR A 226 4.65 -30.89 -19.85
N PHE A 227 4.35 -29.59 -19.92
CA PHE A 227 3.09 -29.12 -20.46
C PHE A 227 3.33 -27.95 -21.41
N THR A 228 2.59 -27.95 -22.52
CA THR A 228 2.64 -26.88 -23.50
C THR A 228 1.21 -26.59 -23.95
N GLY A 229 1.07 -25.51 -24.73
CA GLY A 229 -0.23 -25.12 -25.23
C GLY A 229 -0.39 -23.61 -25.32
N HIS A 230 0.46 -22.87 -24.62
CA HIS A 230 0.45 -21.42 -24.73
C HIS A 230 1.35 -20.98 -25.88
N GLU A 231 1.27 -19.70 -26.23
CA GLU A 231 2.12 -19.10 -27.23
C GLU A 231 3.15 -18.15 -26.65
N SER A 232 2.97 -17.70 -25.42
CA SER A 232 3.95 -16.84 -24.77
C SER A 232 4.26 -17.36 -23.38
N ASP A 233 5.09 -16.62 -22.64
CA ASP A 233 5.49 -17.02 -21.30
C ASP A 233 4.27 -17.28 -20.42
N ILE A 234 4.50 -18.05 -19.35
CA ILE A 234 3.45 -18.36 -18.38
C ILE A 234 3.60 -17.40 -17.21
N ASN A 235 2.50 -16.74 -16.84
CA ASN A 235 2.55 -15.69 -15.83
C ASN A 235 2.08 -16.14 -14.45
N ALA A 236 1.24 -17.16 -14.36
CA ALA A 236 0.76 -17.61 -13.06
C ALA A 236 0.45 -19.09 -13.13
N ILE A 237 0.49 -19.73 -11.96
CA ILE A 237 0.30 -21.17 -11.85
C ILE A 237 -0.17 -21.49 -10.44
N CYS A 238 -1.13 -22.42 -10.34
CA CYS A 238 -1.68 -22.81 -9.06
C CYS A 238 -2.35 -24.16 -9.21
N PHE A 239 -2.44 -24.87 -8.09
CA PHE A 239 -3.09 -26.19 -8.05
C PHE A 239 -4.59 -26.08 -7.80
N PHE A 240 -5.32 -26.97 -8.44
CA PHE A 240 -6.68 -27.27 -8.03
C PHE A 240 -6.66 -27.77 -6.59
N PRO A 241 -7.69 -27.48 -5.79
CA PRO A 241 -7.61 -27.79 -4.35
C PRO A 241 -7.33 -29.26 -4.04
N ASN A 242 -7.70 -30.19 -4.92
CA ASN A 242 -7.47 -31.61 -4.66
C ASN A 242 -6.10 -32.07 -5.11
N GLY A 243 -5.26 -31.18 -5.63
CA GLY A 243 -3.93 -31.56 -6.06
C GLY A 243 -3.89 -32.53 -7.22
N ASN A 244 -4.87 -32.45 -8.12
CA ASN A 244 -4.88 -33.28 -9.32
C ASN A 244 -4.88 -32.47 -10.61
N ALA A 245 -4.95 -31.14 -10.54
CA ALA A 245 -4.92 -30.30 -11.71
C ALA A 245 -4.37 -28.94 -11.32
N PHE A 246 -3.85 -28.23 -12.31
CA PHE A 246 -3.31 -26.89 -12.08
C PHE A 246 -3.58 -26.05 -13.31
N ALA A 247 -3.86 -24.77 -13.09
CA ALA A 247 -4.21 -23.85 -14.16
C ALA A 247 -3.08 -22.83 -14.30
N THR A 248 -2.89 -22.35 -15.53
CA THR A 248 -1.84 -21.38 -15.83
C THR A 248 -2.41 -20.22 -16.63
N GLY A 249 -1.80 -19.05 -16.43
CA GLY A 249 -2.18 -17.86 -17.16
C GLY A 249 -0.99 -17.22 -17.86
N SER A 250 -1.13 -16.93 -19.15
CA SER A 250 -0.02 -16.45 -19.95
C SER A 250 -0.26 -15.00 -20.37
N ASP A 251 0.74 -14.40 -21.02
CA ASP A 251 0.59 -13.09 -21.65
C ASP A 251 -0.31 -13.16 -22.87
N ASP A 252 -0.74 -14.36 -23.26
CA ASP A 252 -1.68 -14.56 -24.35
C ASP A 252 -3.10 -14.23 -23.94
N ALA A 253 -3.32 -13.67 -22.74
CA ALA A 253 -4.66 -13.40 -22.24
C ALA A 253 -5.47 -14.69 -22.16
N THR A 254 -4.79 -15.78 -21.81
CA THR A 254 -5.39 -17.09 -21.75
C THR A 254 -5.08 -17.74 -20.40
N CYS A 255 -6.12 -18.23 -19.74
CA CYS A 255 -5.96 -19.11 -18.59
C CYS A 255 -6.22 -20.55 -19.04
N ARG A 256 -5.26 -21.42 -18.77
CA ARG A 256 -5.30 -22.80 -19.25
C ARG A 256 -5.23 -23.74 -18.07
N LEU A 257 -5.99 -24.84 -18.14
CA LEU A 257 -6.05 -25.85 -17.09
C LEU A 257 -5.47 -27.16 -17.60
N PHE A 258 -4.48 -27.69 -16.91
CA PHE A 258 -3.86 -28.96 -17.25
C PHE A 258 -4.18 -29.99 -16.19
N ASP A 259 -4.43 -31.22 -16.63
CA ASP A 259 -4.56 -32.37 -15.73
C ASP A 259 -3.24 -33.13 -15.72
N LEU A 260 -2.71 -33.37 -14.53
CA LEU A 260 -1.40 -34.00 -14.41
C LEU A 260 -1.39 -35.41 -14.99
N ARG A 261 -2.55 -36.04 -15.14
CA ARG A 261 -2.61 -37.41 -15.64
C ARG A 261 -3.03 -37.49 -17.10
N ALA A 262 -4.01 -36.70 -17.52
CA ALA A 262 -4.43 -36.63 -18.94
C ALA A 262 -3.24 -36.09 -19.74
N ASP A 263 -2.35 -35.31 -19.11
CA ASP A 263 -1.13 -34.75 -19.74
C ASP A 263 -1.51 -33.70 -20.78
N GLN A 264 -2.79 -33.34 -20.91
CA GLN A 264 -3.27 -32.41 -21.97
C GLN A 264 -3.98 -31.20 -21.33
N GLU A 265 -4.18 -30.12 -22.10
CA GLU A 265 -4.87 -28.92 -21.62
C GLU A 265 -6.37 -29.19 -21.67
N LEU A 266 -7.03 -29.09 -20.52
CA LEU A 266 -8.47 -29.29 -20.43
C LEU A 266 -9.22 -28.18 -21.16
N MET A 267 -9.07 -26.94 -20.70
CA MET A 267 -9.77 -25.82 -21.32
C MET A 267 -8.95 -24.56 -21.13
N THR A 268 -8.99 -23.69 -22.14
CA THR A 268 -8.56 -22.32 -21.98
C THR A 268 -9.73 -21.47 -21.49
N TYR A 269 -9.41 -20.38 -20.80
CA TYR A 269 -10.42 -19.47 -20.27
C TYR A 269 -10.18 -18.06 -20.78
N SER A 270 -9.98 -17.93 -22.09
CA SER A 270 -9.80 -16.62 -22.71
C SER A 270 -11.10 -16.17 -23.37
N HIS A 271 -11.28 -14.85 -23.41
CA HIS A 271 -12.44 -14.23 -24.05
C HIS A 271 -11.93 -13.17 -25.03
N ASP A 272 -12.68 -13.01 -26.12
CA ASP A 272 -12.21 -12.19 -27.23
C ASP A 272 -11.95 -10.76 -26.77
N ASN A 273 -12.85 -10.20 -25.97
CA ASN A 273 -12.69 -8.81 -25.56
C ASN A 273 -11.41 -8.62 -24.76
N ILE A 274 -10.92 -9.68 -24.13
CA ILE A 274 -9.70 -9.59 -23.34
C ILE A 274 -8.56 -9.17 -24.25
N ILE A 275 -7.82 -8.14 -23.86
CA ILE A 275 -6.77 -7.58 -24.69
C ILE A 275 -5.38 -7.95 -24.16
N CYS A 276 -5.23 -8.01 -22.84
CA CYS A 276 -3.95 -8.18 -22.19
C CYS A 276 -3.92 -9.47 -21.38
N GLY A 277 -2.71 -9.82 -20.92
CA GLY A 277 -2.48 -11.11 -20.32
C GLY A 277 -2.83 -11.20 -18.84
N ILE A 278 -2.74 -12.40 -18.32
CA ILE A 278 -3.02 -12.67 -16.91
C ILE A 278 -1.74 -12.47 -16.11
N THR A 279 -1.88 -12.05 -14.85
CA THR A 279 -0.75 -11.86 -13.97
C THR A 279 -0.79 -12.75 -12.73
N SER A 280 -1.97 -13.23 -12.34
CA SER A 280 -2.09 -14.12 -11.20
C SER A 280 -3.36 -14.95 -11.33
N VAL A 281 -3.36 -16.11 -10.70
CA VAL A 281 -4.49 -17.03 -10.72
C VAL A 281 -4.57 -17.73 -9.38
N SER A 282 -5.78 -18.09 -8.98
CA SER A 282 -6.01 -18.81 -7.73
C SER A 282 -7.24 -19.71 -7.93
N PHE A 283 -7.73 -20.26 -6.84
CA PHE A 283 -8.88 -21.16 -6.90
C PHE A 283 -9.76 -20.94 -5.67
N SER A 284 -11.04 -21.26 -5.82
CA SER A 284 -11.92 -21.34 -4.67
C SER A 284 -11.69 -22.65 -3.92
N LYS A 285 -12.11 -22.69 -2.66
CA LYS A 285 -11.87 -23.88 -1.86
C LYS A 285 -12.53 -25.11 -2.50
N SER A 286 -13.76 -24.96 -2.98
CA SER A 286 -14.40 -26.05 -3.71
C SER A 286 -13.84 -26.25 -5.11
N GLY A 287 -12.99 -25.33 -5.58
CA GLY A 287 -12.45 -25.42 -6.91
C GLY A 287 -13.45 -25.12 -8.01
N ARG A 288 -14.50 -24.37 -7.70
CA ARG A 288 -15.52 -24.01 -8.68
C ARG A 288 -15.29 -22.64 -9.30
N LEU A 289 -14.66 -21.72 -8.58
CA LEU A 289 -14.46 -20.35 -9.07
C LEU A 289 -12.99 -20.15 -9.34
N LEU A 290 -12.61 -20.25 -10.61
CA LEU A 290 -11.26 -19.96 -11.05
C LEU A 290 -11.06 -18.45 -11.11
N LEU A 291 -10.31 -17.91 -10.16
CA LEU A 291 -10.03 -16.49 -10.13
C LEU A 291 -8.73 -16.18 -10.84
N ALA A 292 -8.66 -15.02 -11.48
CA ALA A 292 -7.51 -14.65 -12.28
C ALA A 292 -7.37 -13.14 -12.31
N GLY A 293 -6.19 -12.63 -11.96
CA GLY A 293 -5.96 -11.20 -11.99
C GLY A 293 -5.36 -10.76 -13.31
N TYR A 294 -6.11 -9.94 -14.03
CA TYR A 294 -5.72 -9.45 -15.35
C TYR A 294 -5.00 -8.13 -15.27
N ASP A 295 -4.36 -7.77 -16.39
CA ASP A 295 -3.48 -6.62 -16.44
C ASP A 295 -4.22 -5.30 -16.58
N ASP A 296 -5.39 -5.29 -17.23
CA ASP A 296 -6.00 -4.00 -17.54
C ASP A 296 -6.32 -3.24 -16.25
N PHE A 297 -7.34 -3.65 -15.51
CA PHE A 297 -7.53 -3.17 -14.15
C PHE A 297 -8.12 -4.24 -13.24
N ASN A 298 -8.69 -5.29 -13.81
CA ASN A 298 -9.72 -6.07 -13.15
C ASN A 298 -9.23 -7.47 -12.78
N CYS A 299 -10.03 -8.13 -11.95
CA CYS A 299 -9.96 -9.55 -11.72
C CYS A 299 -11.23 -10.17 -12.28
N ASN A 300 -11.13 -11.39 -12.79
CA ASN A 300 -12.27 -12.06 -13.41
C ASN A 300 -12.53 -13.37 -12.71
N VAL A 301 -13.81 -13.66 -12.45
CA VAL A 301 -14.21 -14.87 -11.74
C VAL A 301 -14.68 -15.90 -12.75
N TRP A 302 -13.81 -16.83 -13.12
CA TRP A 302 -14.15 -17.83 -14.12
C TRP A 302 -14.68 -19.10 -13.47
N ASP A 303 -15.88 -19.50 -13.87
CA ASP A 303 -16.40 -20.81 -13.54
C ASP A 303 -15.54 -21.86 -14.24
N ALA A 304 -14.83 -22.66 -13.47
CA ALA A 304 -13.81 -23.56 -14.03
C ALA A 304 -14.41 -24.63 -14.92
N LEU A 305 -15.72 -24.84 -14.90
CA LEU A 305 -16.34 -25.89 -15.72
C LEU A 305 -16.97 -25.36 -17.01
N LYS A 306 -17.45 -24.13 -17.02
CA LYS A 306 -18.03 -23.53 -18.21
C LYS A 306 -17.17 -22.44 -18.82
N ALA A 307 -16.10 -22.03 -18.13
CA ALA A 307 -15.19 -21.01 -18.63
C ALA A 307 -15.92 -19.72 -19.00
N ASP A 308 -16.93 -19.36 -18.20
CA ASP A 308 -17.69 -18.14 -18.40
C ASP A 308 -17.42 -17.18 -17.24
N ARG A 309 -17.29 -15.90 -17.56
CA ARG A 309 -17.03 -14.89 -16.53
C ARG A 309 -18.29 -14.69 -15.71
N ALA A 310 -18.38 -15.42 -14.59
CA ALA A 310 -19.53 -15.33 -13.70
C ALA A 310 -19.29 -14.30 -12.60
N GLY A 311 -18.94 -13.08 -13.01
CA GLY A 311 -18.69 -11.99 -12.07
C GLY A 311 -17.35 -11.36 -12.31
N VAL A 312 -17.26 -10.06 -12.05
CA VAL A 312 -16.05 -9.28 -12.25
C VAL A 312 -15.82 -8.45 -11.00
N LEU A 313 -14.61 -8.51 -10.46
CA LEU A 313 -14.21 -7.66 -9.35
C LEU A 313 -13.67 -6.36 -9.92
N ALA A 314 -14.45 -5.29 -9.83
CA ALA A 314 -14.18 -4.03 -10.52
C ALA A 314 -13.73 -2.98 -9.52
N GLY A 315 -12.42 -2.94 -9.27
CA GLY A 315 -11.81 -1.84 -8.56
C GLY A 315 -10.43 -1.62 -9.14
N HIS A 316 -9.44 -1.37 -8.28
CA HIS A 316 -8.05 -1.55 -8.69
C HIS A 316 -7.71 -0.70 -9.91
N ASP A 317 -7.63 0.62 -9.75
CA ASP A 317 -7.38 1.53 -10.86
C ASP A 317 -6.05 1.28 -11.56
N ASN A 318 -5.31 0.27 -11.12
CA ASN A 318 -4.11 -0.18 -11.83
C ASN A 318 -4.25 -1.68 -12.08
N ARG A 319 -3.16 -2.31 -12.49
CA ARG A 319 -3.19 -3.71 -12.87
C ARG A 319 -3.17 -4.62 -11.65
N VAL A 320 -3.95 -5.70 -11.72
CA VAL A 320 -3.95 -6.71 -10.66
C VAL A 320 -2.70 -7.56 -10.79
N SER A 321 -2.04 -7.81 -9.66
CA SER A 321 -0.78 -8.56 -9.67
C SER A 321 -0.78 -9.81 -8.79
N CYS A 322 -1.78 -10.00 -7.93
CA CYS A 322 -1.79 -11.15 -7.04
C CYS A 322 -3.19 -11.40 -6.50
N LEU A 323 -3.54 -12.68 -6.40
CA LEU A 323 -4.80 -13.11 -5.81
C LEU A 323 -4.52 -14.11 -4.69
N GLY A 324 -5.58 -14.52 -4.01
CA GLY A 324 -5.47 -15.49 -2.96
C GLY A 324 -6.82 -15.82 -2.34
N VAL A 325 -7.08 -17.09 -2.10
CA VAL A 325 -8.33 -17.54 -1.48
C VAL A 325 -7.99 -18.26 -0.19
N THR A 326 -8.69 -17.90 0.88
CA THR A 326 -8.40 -18.45 2.20
C THR A 326 -8.51 -19.97 2.17
N ASP A 327 -7.84 -20.61 3.13
CA ASP A 327 -7.89 -22.07 3.21
C ASP A 327 -9.31 -22.58 3.31
N ASP A 328 -10.21 -21.77 3.90
CA ASP A 328 -11.61 -22.15 4.02
C ASP A 328 -12.50 -21.51 2.95
N GLY A 329 -11.92 -20.72 2.05
CA GLY A 329 -12.69 -20.09 1.00
C GLY A 329 -13.59 -18.96 1.46
N MET A 330 -13.40 -18.45 2.66
CA MET A 330 -14.27 -17.42 3.21
C MET A 330 -14.09 -16.06 2.54
N ALA A 331 -12.94 -15.81 1.90
CA ALA A 331 -12.63 -14.47 1.42
C ALA A 331 -11.86 -14.57 0.11
N VAL A 332 -11.60 -13.42 -0.49
CA VAL A 332 -10.75 -13.29 -1.66
C VAL A 332 -10.01 -11.97 -1.55
N ALA A 333 -8.72 -12.03 -1.29
CA ALA A 333 -7.89 -10.83 -1.25
C ALA A 333 -7.25 -10.62 -2.61
N THR A 334 -7.32 -9.38 -3.10
CA THR A 334 -6.76 -9.03 -4.39
C THR A 334 -5.86 -7.81 -4.26
N GLY A 335 -4.71 -7.87 -4.93
CA GLY A 335 -3.74 -6.79 -4.90
C GLY A 335 -3.46 -6.25 -6.28
N SER A 336 -3.27 -4.92 -6.39
CA SER A 336 -2.98 -4.24 -7.67
C SER A 336 -1.86 -3.23 -7.43
N TRP A 337 -1.36 -2.56 -8.48
CA TRP A 337 -0.24 -1.58 -8.35
C TRP A 337 -0.73 -0.30 -7.68
N ASP A 338 -2.04 -0.17 -7.43
CA ASP A 338 -2.61 1.00 -6.73
C ASP A 338 -2.28 0.94 -5.24
N SER A 339 -1.53 -0.07 -4.78
CA SER A 339 -1.09 -0.19 -3.39
C SER A 339 -2.27 -0.35 -2.43
N PHE A 340 -3.35 -0.96 -2.90
CA PHE A 340 -4.54 -1.17 -2.08
C PHE A 340 -5.03 -2.59 -2.27
N LEU A 341 -5.00 -3.38 -1.19
CA LEU A 341 -5.58 -4.72 -1.20
C LEU A 341 -7.02 -4.63 -0.71
N LYS A 342 -7.90 -5.40 -1.34
CA LYS A 342 -9.31 -5.42 -1.00
C LYS A 342 -9.77 -6.87 -0.83
N ILE A 343 -10.55 -7.12 0.22
CA ILE A 343 -11.14 -8.42 0.47
C ILE A 343 -12.58 -8.38 0.03
N TRP A 344 -12.96 -9.32 -0.84
CA TRP A 344 -14.23 -9.29 -1.54
C TRP A 344 -15.06 -10.50 -1.12
N ASN A 345 -16.32 -10.27 -0.79
CA ASN A 345 -17.22 -11.34 -0.38
C ASN A 345 -18.67 -11.03 -0.72
N ILE B 9 26.23 -38.82 -26.39
CA ILE B 9 25.98 -40.23 -25.98
C ILE B 9 25.27 -40.26 -24.63
N ALA B 10 25.60 -39.29 -23.77
CA ALA B 10 24.99 -39.20 -22.44
C ALA B 10 24.41 -37.81 -22.17
N GLN B 11 24.24 -36.98 -23.20
CA GLN B 11 23.67 -35.64 -23.03
C GLN B 11 22.15 -35.66 -23.11
N ALA B 12 21.59 -36.29 -24.14
CA ALA B 12 20.15 -36.45 -24.26
C ALA B 12 19.67 -37.80 -23.73
N ARG B 13 20.58 -38.62 -23.21
CA ARG B 13 20.18 -39.93 -22.69
C ARG B 13 19.23 -39.79 -21.52
N LYS B 14 19.51 -38.86 -20.60
CA LYS B 14 18.59 -38.62 -19.49
C LYS B 14 17.32 -37.95 -19.95
N LEU B 15 17.40 -37.10 -20.98
CA LEU B 15 16.20 -36.46 -21.50
C LEU B 15 15.23 -37.49 -22.06
N VAL B 16 15.71 -38.37 -22.93
CA VAL B 16 14.86 -39.42 -23.47
C VAL B 16 14.39 -40.37 -22.37
N GLU B 17 15.23 -40.62 -21.37
CA GLU B 17 14.79 -41.43 -20.23
C GLU B 17 13.62 -40.76 -19.52
N GLN B 18 13.65 -39.44 -19.38
CA GLN B 18 12.49 -38.73 -18.85
C GLN B 18 11.29 -38.89 -19.77
N LEU B 19 11.53 -38.92 -21.08
CA LEU B 19 10.45 -39.23 -22.01
C LEU B 19 10.00 -40.69 -21.89
N LYS B 20 10.93 -41.60 -21.58
CA LYS B 20 10.56 -43.00 -21.43
C LYS B 20 9.56 -43.19 -20.30
N MET B 21 9.83 -42.62 -19.13
CA MET B 21 8.90 -42.67 -17.97
C MET B 21 7.69 -41.78 -18.29
N GLU B 22 7.85 -40.83 -19.21
CA GLU B 22 6.72 -39.95 -19.65
C GLU B 22 5.81 -40.80 -20.54
N ALA B 23 6.29 -41.93 -21.06
CA ALA B 23 5.47 -42.87 -21.86
C ALA B 23 4.85 -43.88 -20.88
N ASN B 24 5.58 -44.29 -19.85
CA ASN B 24 5.06 -45.17 -18.80
C ASN B 24 4.35 -44.32 -17.77
N ILE B 25 3.08 -44.02 -18.04
CA ILE B 25 2.26 -43.14 -17.22
C ILE B 25 1.00 -43.89 -16.81
N ASP B 26 0.55 -43.63 -15.58
CA ASP B 26 -0.75 -44.13 -15.15
C ASP B 26 -1.82 -43.32 -15.87
N ARG B 27 -2.09 -43.68 -17.12
CA ARG B 27 -2.81 -42.82 -18.04
C ARG B 27 -4.28 -42.76 -17.64
N ILE B 28 -4.64 -41.66 -16.99
CA ILE B 28 -6.04 -41.31 -16.71
C ILE B 28 -6.42 -40.22 -17.70
N LYS B 29 -7.45 -40.49 -18.49
CA LYS B 29 -7.76 -39.66 -19.65
C LYS B 29 -8.61 -38.46 -19.24
N VAL B 30 -8.89 -37.58 -20.20
CA VAL B 30 -9.69 -36.39 -19.96
C VAL B 30 -11.11 -36.74 -19.50
N SER B 31 -11.71 -37.77 -20.08
CA SER B 31 -13.03 -38.23 -19.66
C SER B 31 -12.96 -39.17 -18.46
N LYS B 32 -11.86 -39.89 -18.28
CA LYS B 32 -11.70 -40.71 -17.07
C LYS B 32 -11.58 -39.83 -15.83
N ALA B 33 -10.89 -38.70 -15.94
CA ALA B 33 -10.80 -37.73 -14.86
C ALA B 33 -11.82 -36.60 -15.00
N ALA B 34 -12.68 -36.66 -16.02
CA ALA B 34 -13.70 -35.63 -16.18
C ALA B 34 -14.63 -35.57 -14.98
N ALA B 35 -15.12 -36.73 -14.52
CA ALA B 35 -16.01 -36.76 -13.37
C ALA B 35 -15.27 -36.49 -12.07
N ASP B 36 -13.95 -36.68 -12.02
CA ASP B 36 -13.20 -36.41 -10.80
C ASP B 36 -13.28 -34.94 -10.41
N LEU B 37 -13.10 -34.04 -11.38
CA LEU B 37 -13.22 -32.61 -11.10
C LEU B 37 -14.66 -32.25 -10.74
N MET B 38 -15.64 -32.81 -11.47
CA MET B 38 -17.03 -32.56 -11.13
C MET B 38 -17.38 -33.11 -9.76
N ALA B 39 -16.89 -34.31 -9.43
CA ALA B 39 -17.20 -34.90 -8.14
C ALA B 39 -16.64 -34.07 -7.00
N TYR B 40 -15.40 -33.59 -7.12
CA TYR B 40 -14.80 -32.81 -6.04
C TYR B 40 -15.57 -31.52 -5.80
N CYS B 41 -15.88 -30.77 -6.86
CA CYS B 41 -16.62 -29.53 -6.71
C CYS B 41 -18.03 -29.76 -6.18
N GLU B 42 -18.74 -30.77 -6.69
CA GLU B 42 -20.11 -31.01 -6.26
C GLU B 42 -20.17 -31.47 -4.82
N ALA B 43 -19.32 -32.42 -4.44
CA ALA B 43 -19.32 -32.93 -3.07
C ALA B 43 -18.81 -31.92 -2.07
N HIS B 44 -18.18 -30.83 -2.53
CA HIS B 44 -17.68 -29.78 -1.65
C HIS B 44 -18.30 -28.43 -1.95
N ALA B 45 -19.48 -28.41 -2.57
CA ALA B 45 -20.11 -27.15 -2.91
C ALA B 45 -20.64 -26.43 -1.68
N LYS B 46 -21.19 -27.16 -0.71
CA LYS B 46 -21.84 -26.54 0.43
C LYS B 46 -20.86 -25.84 1.36
N GLU B 47 -19.62 -26.30 1.44
CA GLU B 47 -18.62 -25.66 2.28
C GLU B 47 -18.09 -24.36 1.69
N ASP B 48 -18.20 -24.18 0.39
CA ASP B 48 -17.59 -23.02 -0.26
C ASP B 48 -18.34 -21.76 0.15
N PRO B 49 -17.70 -20.83 0.86
CA PRO B 49 -18.40 -19.60 1.29
C PRO B 49 -18.70 -18.63 0.16
N LEU B 50 -18.06 -18.74 -0.99
CA LEU B 50 -18.27 -17.83 -2.10
C LEU B 50 -19.23 -18.36 -3.15
N LEU B 51 -19.16 -19.66 -3.48
CA LEU B 51 -20.09 -20.23 -4.44
C LEU B 51 -21.52 -20.11 -3.94
N THR B 52 -21.77 -20.55 -2.70
CA THR B 52 -23.06 -20.35 -2.06
C THR B 52 -22.89 -19.32 -0.94
N PRO B 53 -23.53 -18.16 -1.02
CA PRO B 53 -23.33 -17.14 0.02
C PRO B 53 -23.74 -17.65 1.38
N VAL B 54 -22.83 -17.51 2.34
CA VAL B 54 -23.10 -17.88 3.73
C VAL B 54 -23.95 -16.76 4.34
N PRO B 55 -24.86 -17.07 5.28
CA PRO B 55 -25.67 -16.00 5.86
C PRO B 55 -24.80 -14.95 6.55
N ALA B 56 -25.28 -13.71 6.53
CA ALA B 56 -24.51 -12.57 7.02
C ALA B 56 -24.12 -12.71 8.49
N SER B 57 -24.86 -13.48 9.28
CA SER B 57 -24.51 -13.67 10.67
C SER B 57 -23.18 -14.38 10.86
N GLU B 58 -22.92 -15.42 10.06
CA GLU B 58 -21.65 -16.13 10.11
C GLU B 58 -20.56 -15.43 9.31
N ASN B 59 -20.91 -14.47 8.46
CA ASN B 59 -19.92 -13.69 7.73
C ASN B 59 -19.14 -12.85 8.72
N PRO B 60 -17.88 -13.16 9.01
CA PRO B 60 -17.16 -12.44 10.07
C PRO B 60 -16.72 -11.05 9.68
N PHE B 61 -16.86 -10.65 8.43
CA PHE B 61 -16.48 -9.30 8.02
C PHE B 61 -17.63 -8.33 8.23
N VAL C 2 16.02 -12.57 27.99
CA VAL C 2 15.00 -11.72 28.67
C VAL C 2 15.30 -11.65 30.16
N GLN C 3 15.55 -10.44 30.66
CA GLN C 3 15.96 -10.26 32.06
C GLN C 3 15.39 -8.94 32.56
N LEU C 4 14.34 -9.03 33.36
CA LEU C 4 13.73 -7.85 33.99
C LEU C 4 14.18 -7.77 35.44
N VAL C 5 14.90 -6.71 35.79
CA VAL C 5 15.41 -6.51 37.14
C VAL C 5 15.06 -5.09 37.58
N GLU C 6 14.46 -4.97 38.77
CA GLU C 6 14.08 -3.69 39.34
C GLU C 6 15.07 -3.29 40.44
N SER C 7 14.80 -2.12 41.02
CA SER C 7 15.60 -1.62 42.12
C SER C 7 14.77 -0.58 42.88
N GLY C 8 15.42 0.14 43.78
CA GLY C 8 14.76 1.20 44.52
C GLY C 8 13.96 0.76 45.72
N GLY C 9 14.02 -0.54 46.07
CA GLY C 9 13.29 -1.02 47.22
C GLY C 9 13.97 -0.65 48.52
N GLY C 10 13.24 -0.82 49.61
CA GLY C 10 13.77 -0.52 50.94
C GLY C 10 12.64 -0.16 51.89
N LEU C 11 13.04 0.45 53.00
CA LEU C 11 12.12 0.88 54.04
C LEU C 11 11.96 2.39 54.01
N VAL C 12 10.71 2.85 54.11
CA VAL C 12 10.39 4.27 54.09
C VAL C 12 9.27 4.53 55.08
N GLN C 13 9.34 5.69 55.73
CA GLN C 13 8.31 6.11 56.66
C GLN C 13 7.09 6.62 55.91
N PRO C 14 5.90 6.53 56.52
CA PRO C 14 4.70 7.02 55.84
C PRO C 14 4.80 8.51 55.53
N GLY C 15 4.18 8.88 54.41
CA GLY C 15 4.18 10.26 53.96
C GLY C 15 5.30 10.64 53.01
N GLY C 16 6.27 9.76 52.81
CA GLY C 16 7.36 10.03 51.90
C GLY C 16 7.01 9.63 50.47
N SER C 17 7.98 9.79 49.57
CA SER C 17 7.82 9.45 48.13
C SER C 17 9.02 8.62 47.66
N ARG C 18 8.82 7.33 47.38
CA ARG C 18 9.88 6.42 46.87
C ARG C 18 9.71 6.33 45.34
N LYS C 19 10.70 5.83 44.60
CA LYS C 19 10.59 5.65 43.13
C LYS C 19 11.16 4.29 42.73
N LEU C 20 10.51 3.55 41.83
CA LEU C 20 10.92 2.21 41.45
C LEU C 20 11.29 2.19 39.98
N SER C 21 12.42 1.58 39.66
CA SER C 21 12.92 1.47 38.30
C SER C 21 12.89 0.02 37.86
N CYS C 22 12.58 -0.20 36.59
CA CYS C 22 12.56 -1.53 35.97
C CYS C 22 13.50 -1.50 34.76
N SER C 23 14.77 -1.83 34.99
CA SER C 23 15.71 -1.95 33.89
C SER C 23 15.45 -3.26 33.15
N ALA C 24 15.29 -3.16 31.84
CA ALA C 24 15.02 -4.30 30.98
C ALA C 24 16.19 -4.53 30.04
N SER C 25 16.48 -5.81 29.77
CA SER C 25 17.60 -6.16 28.91
C SER C 25 17.34 -7.55 28.34
N GLY C 26 17.11 -7.62 27.03
CA GLY C 26 16.94 -8.91 26.38
C GLY C 26 15.73 -9.00 25.47
N PHE C 27 15.12 -7.87 25.13
CA PHE C 27 13.97 -7.87 24.24
C PHE C 27 13.72 -6.44 23.76
N ALA C 28 12.71 -6.29 22.90
CA ALA C 28 12.39 -5.01 22.27
C ALA C 28 11.44 -4.24 23.18
N PHE C 29 12.01 -3.56 24.18
CA PHE C 29 11.20 -2.88 25.18
C PHE C 29 10.27 -1.83 24.56
N SER C 30 10.66 -1.20 23.46
CA SER C 30 9.92 -0.10 22.89
C SER C 30 8.60 -0.51 22.26
N SER C 31 8.30 -1.82 22.22
CA SER C 31 7.03 -2.34 21.67
C SER C 31 6.22 -3.09 22.74
N PHE C 32 6.76 -3.32 23.94
CA PHE C 32 6.10 -4.16 24.98
C PHE C 32 5.38 -3.38 26.08
N GLY C 33 4.05 -3.33 26.02
CA GLY C 33 3.26 -2.82 27.16
C GLY C 33 3.86 -3.28 28.48
N MET C 34 3.98 -2.36 29.43
CA MET C 34 4.60 -2.60 30.73
C MET C 34 3.56 -2.39 31.82
N HIS C 35 3.36 -3.39 32.66
CA HIS C 35 2.49 -3.28 33.82
C HIS C 35 3.31 -3.06 35.08
N TRP C 36 2.61 -2.91 36.20
CA TRP C 36 3.20 -2.97 37.53
C TRP C 36 2.26 -3.78 38.41
N VAL C 37 2.78 -4.80 39.07
CA VAL C 37 1.98 -5.66 39.92
C VAL C 37 2.65 -5.78 41.28
N ARG C 38 1.84 -5.77 42.33
CA ARG C 38 2.32 -5.88 43.69
C ARG C 38 1.76 -7.14 44.33
N GLN C 39 2.52 -7.67 45.29
CA GLN C 39 2.09 -8.81 46.08
C GLN C 39 2.31 -8.48 47.54
N ALA C 40 1.23 -8.09 48.23
CA ALA C 40 1.35 -7.77 49.64
C ALA C 40 1.71 -9.03 50.43
N PRO C 41 2.46 -8.89 51.52
CA PRO C 41 3.03 -10.06 52.18
C PRO C 41 1.99 -11.11 52.51
N GLU C 42 2.26 -12.35 52.08
CA GLU C 42 1.41 -13.52 52.38
C GLU C 42 -0.08 -13.22 52.25
N LYS C 43 -0.47 -12.36 51.30
CA LYS C 43 -1.88 -12.18 50.99
C LYS C 43 -2.19 -12.48 49.53
N GLY C 44 -1.43 -11.95 48.59
CA GLY C 44 -1.62 -12.31 47.19
C GLY C 44 -1.23 -11.17 46.28
N LEU C 45 -1.54 -11.38 45.00
CA LEU C 45 -1.21 -10.44 43.94
C LEU C 45 -2.27 -9.34 43.85
N GLU C 46 -1.85 -8.17 43.38
CA GLU C 46 -2.76 -7.05 43.20
C GLU C 46 -2.22 -6.12 42.11
N TRP C 47 -3.06 -5.80 41.14
CA TRP C 47 -2.65 -4.93 40.05
C TRP C 47 -2.44 -3.50 40.54
N VAL C 48 -1.57 -2.77 39.86
CA VAL C 48 -1.24 -1.40 40.25
C VAL C 48 -1.55 -0.44 39.10
N ALA C 49 -0.84 -0.60 37.98
CA ALA C 49 -0.90 0.37 36.90
C ALA C 49 -0.73 -0.35 35.57
N TYR C 50 -0.65 0.44 34.50
CA TYR C 50 -0.41 -0.09 33.17
C TYR C 50 -0.09 1.05 32.23
N ILE C 51 0.94 0.87 31.40
CA ILE C 51 1.31 1.82 30.36
C ILE C 51 1.40 1.03 29.07
N SER C 52 0.72 1.50 28.03
CA SER C 52 0.74 0.82 26.74
C SER C 52 2.01 1.16 25.97
N SER C 53 2.14 0.57 24.79
CA SER C 53 3.28 0.84 23.93
C SER C 53 3.30 2.30 23.50
N GLY C 54 4.47 2.92 23.63
CA GLY C 54 4.62 4.30 23.20
C GLY C 54 4.04 5.34 24.14
N SER C 55 3.74 4.96 25.39
CA SER C 55 3.17 5.88 26.38
C SER C 55 1.80 6.40 25.96
N GLY C 56 1.05 5.61 25.18
CA GLY C 56 -0.25 6.05 24.72
C GLY C 56 -1.34 5.98 25.77
N THR C 57 -1.68 4.78 26.22
CA THR C 57 -2.78 4.56 27.14
C THR C 57 -2.23 4.21 28.52
N ILE C 58 -2.76 4.83 29.56
CA ILE C 58 -2.35 4.59 30.93
C ILE C 58 -3.59 4.33 31.77
N TYR C 59 -3.50 3.36 32.68
CA TYR C 59 -4.56 3.07 33.62
C TYR C 59 -3.98 2.96 35.02
N TYR C 60 -4.85 2.91 36.02
CA TYR C 60 -4.44 2.74 37.40
C TYR C 60 -5.50 1.94 38.16
N ALA C 61 -5.07 1.30 39.23
CA ALA C 61 -5.99 0.68 40.16
C ALA C 61 -6.69 1.76 40.97
N ASP C 62 -8.01 1.61 41.10
CA ASP C 62 -8.80 2.62 41.80
C ASP C 62 -8.32 2.86 43.22
N THR C 63 -7.63 1.89 43.83
CA THR C 63 -7.14 2.07 45.19
C THR C 63 -6.18 3.23 45.27
N VAL C 64 -5.27 3.35 44.29
CA VAL C 64 -4.23 4.37 44.35
C VAL C 64 -4.31 5.25 43.11
N LYS C 65 -5.45 5.24 42.43
CA LYS C 65 -5.62 6.04 41.23
C LYS C 65 -5.36 7.51 41.56
N GLY C 66 -4.55 8.17 40.73
CA GLY C 66 -4.24 9.56 40.93
C GLY C 66 -3.14 9.84 41.93
N ARG C 67 -2.59 8.81 42.57
CA ARG C 67 -1.50 9.00 43.52
C ARG C 67 -0.18 8.40 43.03
N PHE C 68 -0.22 7.41 42.14
CA PHE C 68 0.95 6.85 41.50
C PHE C 68 1.08 7.41 40.08
N THR C 69 2.33 7.46 39.61
CA THR C 69 2.62 7.96 38.27
C THR C 69 3.54 6.98 37.56
N ILE C 70 3.36 6.85 36.25
CA ILE C 70 4.11 5.92 35.42
C ILE C 70 4.92 6.72 34.42
N SER C 71 6.23 6.43 34.34
CA SER C 71 7.14 7.06 33.34
C SER C 71 7.68 5.95 32.45
N ARG C 72 8.02 6.24 31.20
CA ARG C 72 8.58 5.23 30.26
C ARG C 72 9.68 5.87 29.42
N ASP C 73 10.86 5.26 29.35
CA ASP C 73 12.01 5.76 28.57
C ASP C 73 12.37 4.68 27.55
N ASP C 74 11.84 4.74 26.32
CA ASP C 74 12.08 3.72 25.31
C ASP C 74 13.54 3.70 24.87
N PRO C 75 14.14 4.84 24.54
CA PRO C 75 15.55 4.84 24.10
C PRO C 75 16.54 4.40 25.16
N LYS C 76 16.10 4.23 26.42
CA LYS C 76 16.96 3.73 27.48
C LYS C 76 16.46 2.42 28.07
N ASN C 77 15.25 1.99 27.74
CA ASN C 77 14.69 0.73 28.23
C ASN C 77 14.65 0.73 29.76
N THR C 78 13.94 1.70 30.32
CA THR C 78 13.77 1.83 31.76
C THR C 78 12.35 2.28 32.05
N LEU C 79 11.66 1.54 32.91
CA LEU C 79 10.29 1.84 33.30
C LEU C 79 10.26 2.25 34.77
N PHE C 80 9.70 3.42 35.05
CA PHE C 80 9.64 3.95 36.41
C PHE C 80 8.23 3.86 36.96
N LEU C 81 8.14 3.72 38.28
CA LEU C 81 6.89 3.83 39.01
C LEU C 81 7.14 4.70 40.23
N GLN C 82 6.72 5.95 40.17
CA GLN C 82 6.99 6.95 41.20
C GLN C 82 5.75 7.10 42.08
N MET C 83 5.93 6.94 43.39
CA MET C 83 4.84 7.04 44.35
C MET C 83 4.97 8.35 45.14
N THR C 84 3.83 8.99 45.40
CA THR C 84 3.83 10.27 46.08
C THR C 84 3.68 10.14 47.59
N SER C 85 2.57 9.56 48.05
CA SER C 85 2.31 9.38 49.48
C SER C 85 2.08 7.90 49.74
N LEU C 86 2.70 7.38 50.80
CA LEU C 86 2.66 5.96 51.12
C LEU C 86 2.06 5.78 52.51
N ARG C 87 1.03 4.93 52.61
CA ARG C 87 0.45 4.56 53.88
C ARG C 87 0.96 3.16 54.26
N SER C 88 0.39 2.58 55.30
CA SER C 88 0.83 1.26 55.77
C SER C 88 0.27 0.11 54.95
N GLU C 89 -0.20 0.38 53.73
CA GLU C 89 -0.71 -0.66 52.84
C GLU C 89 0.15 -0.87 51.61
N ASP C 90 0.98 0.11 51.24
CA ASP C 90 1.85 -0.03 50.08
C ASP C 90 2.93 -1.09 50.27
N THR C 91 3.23 -1.46 51.52
CA THR C 91 4.23 -2.49 51.77
C THR C 91 3.84 -3.77 51.04
N ALA C 92 4.68 -4.21 50.12
CA ALA C 92 4.37 -5.37 49.29
C ALA C 92 5.58 -5.72 48.45
N MET C 93 5.44 -6.79 47.67
CA MET C 93 6.47 -7.24 46.74
C MET C 93 6.08 -6.73 45.35
N TYR C 94 6.83 -5.75 44.86
CA TYR C 94 6.52 -5.10 43.59
C TYR C 94 7.24 -5.82 42.45
N TYR C 95 6.49 -6.25 41.45
CA TYR C 95 7.04 -6.90 40.27
C TYR C 95 6.91 -5.99 39.05
N CYS C 96 7.61 -6.36 37.99
CA CYS C 96 7.59 -5.63 36.72
C CYS C 96 7.28 -6.63 35.61
N VAL C 97 6.13 -6.46 34.97
CA VAL C 97 5.61 -7.40 33.99
C VAL C 97 5.48 -6.70 32.65
N ARG C 98 5.96 -7.35 31.58
CA ARG C 98 5.93 -6.79 30.21
C ARG C 98 4.74 -7.42 29.48
N SER C 99 4.28 -6.81 28.39
CA SER C 99 3.08 -7.27 27.66
C SER C 99 3.13 -6.87 26.20
N ILE C 100 2.63 -7.71 25.30
CA ILE C 100 2.48 -7.33 23.86
C ILE C 100 1.04 -7.73 23.57
N TYR C 101 0.23 -6.86 23.00
CA TYR C 101 -1.16 -7.14 22.62
C TYR C 101 -1.29 -7.04 21.10
N TYR C 102 -1.19 -8.19 20.44
CA TYR C 102 -1.61 -8.31 19.05
C TYR C 102 -2.33 -9.65 18.93
N TYR C 103 -2.88 -9.93 17.75
CA TYR C 103 -3.68 -11.12 17.59
C TYR C 103 -2.84 -12.35 17.90
N GLY C 104 -3.17 -13.05 18.97
CA GLY C 104 -2.54 -14.31 19.31
C GLY C 104 -1.35 -14.22 20.24
N SER C 105 -1.16 -13.10 20.92
CA SER C 105 0.02 -12.94 21.76
C SER C 105 -0.25 -13.39 23.19
N SER C 106 0.83 -13.48 23.96
CA SER C 106 0.79 -13.76 25.41
C SER C 106 1.34 -12.53 26.11
N PRO C 107 0.47 -11.65 26.62
CA PRO C 107 0.94 -10.35 27.11
C PRO C 107 1.36 -10.34 28.57
N PHE C 108 1.40 -11.52 29.20
CA PHE C 108 1.73 -11.61 30.61
C PHE C 108 2.70 -12.76 30.83
N ASP C 109 3.56 -12.98 29.84
CA ASP C 109 4.44 -14.15 29.85
C ASP C 109 5.56 -13.99 30.88
N PHE C 110 6.37 -12.95 30.73
CA PHE C 110 7.59 -12.79 31.50
C PHE C 110 7.31 -11.89 32.69
N TRP C 111 7.64 -12.36 33.89
CA TRP C 111 7.53 -11.59 35.11
C TRP C 111 8.91 -11.23 35.63
N GLY C 112 9.07 -9.99 36.05
CA GLY C 112 10.35 -9.55 36.59
C GLY C 112 10.65 -10.22 37.91
N GLN C 113 11.91 -10.09 38.32
CA GLN C 113 12.35 -10.63 39.60
C GLN C 113 11.69 -9.94 40.79
N GLY C 114 11.30 -8.69 40.64
CA GLY C 114 10.55 -8.00 41.67
C GLY C 114 11.40 -7.25 42.67
N THR C 115 10.82 -6.24 43.32
CA THR C 115 11.47 -5.50 44.38
C THR C 115 10.49 -5.38 45.55
N THR C 116 10.96 -5.69 46.76
CA THR C 116 10.12 -5.56 47.94
C THR C 116 10.13 -4.11 48.43
N LEU C 117 8.95 -3.63 48.83
CA LEU C 117 8.82 -2.33 49.46
C LEU C 117 8.18 -2.51 50.82
N THR C 118 8.65 -1.72 51.79
CA THR C 118 8.18 -1.80 53.17
C THR C 118 7.87 -0.40 53.66
N VAL C 119 6.70 -0.24 54.29
CA VAL C 119 6.29 1.03 54.87
C VAL C 119 5.95 0.77 56.34
N SER C 120 6.60 1.52 57.23
CA SER C 120 6.38 1.35 58.66
C SER C 120 4.99 1.82 59.05
N SER C 121 4.47 1.26 60.13
CA SER C 121 3.16 1.64 60.64
C SER C 121 3.25 2.90 61.50
N SER C 136 -19.04 -2.91 40.90
CA SER C 136 -18.23 -2.23 39.89
C SER C 136 -17.11 -3.13 39.40
N ASP C 137 -16.04 -3.21 40.18
CA ASP C 137 -14.89 -4.02 39.81
C ASP C 137 -15.26 -5.50 39.82
N ILE C 138 -14.58 -6.27 38.98
CA ILE C 138 -14.79 -7.71 38.92
C ILE C 138 -14.09 -8.36 40.10
N VAL C 139 -14.80 -9.27 40.77
CA VAL C 139 -14.29 -9.95 41.96
C VAL C 139 -13.95 -11.38 41.59
N MET C 140 -12.73 -11.81 41.93
CA MET C 140 -12.26 -13.15 41.65
C MET C 140 -12.11 -13.90 42.96
N THR C 141 -12.84 -15.01 43.09
CA THR C 141 -12.89 -15.78 44.33
C THR C 141 -12.20 -17.11 44.12
N GLN C 142 -11.19 -17.38 44.94
CA GLN C 142 -10.47 -18.65 44.93
C GLN C 142 -11.04 -19.56 46.00
N ALA C 143 -11.26 -20.83 45.64
CA ALA C 143 -12.00 -21.73 46.50
C ALA C 143 -11.32 -21.96 47.84
N THR C 144 -10.00 -22.13 47.85
CA THR C 144 -9.29 -22.50 49.08
C THR C 144 -7.98 -21.73 49.12
N SER C 145 -7.18 -22.00 50.15
CA SER C 145 -5.86 -21.41 50.31
C SER C 145 -4.76 -22.43 50.57
N SER C 146 -5.09 -23.71 50.76
CA SER C 146 -4.08 -24.74 50.97
C SER C 146 -4.67 -26.08 50.57
N VAL C 147 -3.92 -26.84 49.77
CA VAL C 147 -4.38 -28.15 49.30
C VAL C 147 -3.21 -29.12 49.34
N PRO C 148 -3.16 -30.05 50.29
CA PRO C 148 -2.08 -31.05 50.29
C PRO C 148 -2.27 -32.10 49.20
N VAL C 149 -1.14 -32.52 48.63
CA VAL C 149 -1.16 -33.54 47.58
C VAL C 149 0.26 -34.08 47.43
N THR C 150 0.37 -35.28 46.87
CA THR C 150 1.64 -35.93 46.63
C THR C 150 1.92 -36.03 45.14
N PRO C 151 3.18 -36.20 44.75
CA PRO C 151 3.50 -36.29 43.31
C PRO C 151 2.79 -37.46 42.66
N GLY C 152 2.47 -37.29 41.38
CA GLY C 152 1.80 -38.31 40.60
C GLY C 152 0.30 -38.31 40.70
N GLU C 153 -0.30 -37.32 41.34
CA GLU C 153 -1.75 -37.22 41.51
C GLU C 153 -2.27 -36.02 40.72
N SER C 154 -3.38 -36.22 40.02
CA SER C 154 -3.99 -35.14 39.26
C SER C 154 -4.71 -34.18 40.20
N VAL C 155 -4.45 -32.89 40.02
CA VAL C 155 -4.99 -31.84 40.87
C VAL C 155 -5.78 -30.86 40.02
N SER C 156 -6.95 -30.46 40.50
CA SER C 156 -7.79 -29.48 39.83
C SER C 156 -8.01 -28.29 40.75
N ILE C 157 -7.72 -27.10 40.25
CA ILE C 157 -7.96 -25.85 40.97
C ILE C 157 -9.02 -25.07 40.21
N SER C 158 -9.73 -24.21 40.93
CA SER C 158 -10.82 -23.45 40.33
C SER C 158 -11.02 -22.14 41.09
N CYS C 159 -11.49 -21.13 40.37
CA CYS C 159 -11.88 -19.85 40.95
C CYS C 159 -13.05 -19.30 40.15
N ARG C 160 -13.94 -18.58 40.83
CA ARG C 160 -15.16 -18.10 40.23
C ARG C 160 -15.05 -16.61 39.91
N SER C 161 -16.01 -16.12 39.13
CA SER C 161 -15.97 -14.77 38.58
C SER C 161 -17.26 -14.04 38.90
N SER C 162 -17.16 -12.70 38.88
CA SER C 162 -18.34 -11.86 39.07
C SER C 162 -19.16 -11.80 37.79
N LYS C 163 -18.56 -11.25 36.73
CA LYS C 163 -19.19 -11.23 35.42
C LYS C 163 -18.70 -12.40 34.57
N SER C 164 -19.41 -12.62 33.46
CA SER C 164 -18.99 -13.62 32.48
C SER C 164 -17.85 -13.03 31.65
N LEU C 165 -16.65 -13.62 31.77
CA LEU C 165 -15.49 -13.08 31.10
C LEU C 165 -15.53 -13.27 29.60
N LEU C 166 -16.48 -14.05 29.08
CA LEU C 166 -16.55 -14.34 27.65
C LEU C 166 -16.98 -13.08 26.91
N HIS C 167 -16.01 -12.35 26.34
CA HIS C 167 -16.28 -11.19 25.52
C HIS C 167 -16.91 -11.61 24.20
N SER C 168 -17.53 -10.65 23.52
CA SER C 168 -18.20 -10.93 22.25
C SER C 168 -17.25 -11.45 21.18
N ASN C 169 -15.95 -11.23 21.34
CA ASN C 169 -14.98 -11.72 20.36
C ASN C 169 -14.93 -13.24 20.34
N GLY C 170 -15.39 -13.89 21.42
CA GLY C 170 -15.18 -15.30 21.65
C GLY C 170 -14.08 -15.59 22.64
N ASN C 171 -13.27 -14.59 22.95
CA ASN C 171 -12.20 -14.74 23.93
C ASN C 171 -12.77 -14.81 25.34
N THR C 172 -12.08 -15.56 26.20
CA THR C 172 -12.42 -15.67 27.62
C THR C 172 -11.18 -15.26 28.40
N TYR C 173 -11.07 -13.96 28.69
CA TYR C 173 -9.83 -13.39 29.21
C TYR C 173 -9.63 -13.78 30.67
N LEU C 174 -9.00 -14.94 30.85
CA LEU C 174 -8.52 -15.39 32.16
C LEU C 174 -7.06 -15.80 32.02
N TYR C 175 -6.29 -15.61 33.08
CA TYR C 175 -4.87 -15.95 33.09
C TYR C 175 -4.58 -16.84 34.29
N TRP C 176 -3.75 -17.86 34.08
CA TRP C 176 -3.27 -18.72 35.15
C TRP C 176 -1.76 -18.55 35.27
N PHE C 177 -1.30 -18.21 36.47
CA PHE C 177 0.12 -18.12 36.76
C PHE C 177 0.47 -19.12 37.85
N LEU C 178 1.72 -19.03 38.32
CA LEU C 178 2.19 -19.89 39.39
C LEU C 178 3.41 -19.23 40.04
N GLN C 179 3.37 -19.10 41.36
CA GLN C 179 4.45 -18.47 42.13
C GLN C 179 5.10 -19.55 42.98
N ARG C 180 6.21 -20.11 42.48
CA ARG C 180 6.96 -21.06 43.27
C ARG C 180 7.59 -20.37 44.47
N PRO C 181 7.73 -21.06 45.59
CA PRO C 181 8.27 -20.41 46.80
C PRO C 181 9.64 -19.79 46.53
N GLY C 182 9.77 -18.52 46.92
CA GLY C 182 11.02 -17.80 46.74
C GLY C 182 11.25 -17.25 45.35
N GLN C 183 10.32 -17.43 44.43
CA GLN C 183 10.45 -16.99 43.05
C GLN C 183 9.27 -16.12 42.66
N SER C 184 9.40 -15.46 41.51
CA SER C 184 8.34 -14.63 40.96
C SER C 184 7.33 -15.50 40.22
N PRO C 185 6.12 -14.98 39.98
CA PRO C 185 5.11 -15.76 39.28
C PRO C 185 5.58 -16.19 37.90
N GLN C 186 4.78 -17.03 37.26
CA GLN C 186 5.08 -17.53 35.93
C GLN C 186 3.78 -17.94 35.25
N LEU C 187 3.64 -17.58 33.99
CA LEU C 187 2.37 -17.79 33.30
C LEU C 187 2.23 -19.24 32.89
N LEU C 188 1.00 -19.76 32.98
CA LEU C 188 0.66 -21.09 32.52
C LEU C 188 -0.29 -21.09 31.33
N ILE C 189 -1.44 -20.45 31.48
CA ILE C 189 -2.48 -20.40 30.45
C ILE C 189 -2.93 -18.95 30.32
N TYR C 190 -2.80 -18.38 29.11
CA TYR C 190 -2.93 -16.94 28.98
C TYR C 190 -4.27 -16.42 28.48
N ARG C 191 -5.14 -17.25 27.90
CA ARG C 191 -6.55 -16.90 27.86
C ARG C 191 -7.45 -17.92 28.54
N MET C 192 -7.57 -19.15 28.03
CA MET C 192 -8.29 -20.17 28.78
C MET C 192 -7.59 -21.52 28.72
N SER C 193 -7.05 -21.87 27.55
CA SER C 193 -6.45 -23.16 27.32
C SER C 193 -5.21 -23.06 26.43
N ASN C 194 -4.62 -21.88 26.34
CA ASN C 194 -3.50 -21.64 25.44
C ASN C 194 -2.22 -21.63 26.27
N LEU C 195 -1.41 -22.68 26.12
CA LEU C 195 -0.24 -22.85 26.96
C LEU C 195 0.74 -21.69 26.78
N ALA C 196 1.64 -21.57 27.73
CA ALA C 196 2.61 -20.48 27.74
C ALA C 196 3.82 -20.84 26.89
N SER C 197 4.84 -19.99 26.91
CA SER C 197 6.07 -20.23 26.15
C SER C 197 7.02 -21.04 27.02
N GLY C 198 7.24 -22.30 26.63
CA GLY C 198 8.20 -23.14 27.31
C GLY C 198 7.70 -23.81 28.57
N VAL C 199 6.40 -23.71 28.85
CA VAL C 199 5.82 -24.42 29.99
C VAL C 199 5.59 -25.87 29.56
N PRO C 200 5.76 -26.85 30.44
CA PRO C 200 5.45 -28.23 30.04
C PRO C 200 4.01 -28.35 29.57
N ASP C 201 3.80 -29.19 28.56
CA ASP C 201 2.49 -29.38 27.95
C ASP C 201 1.53 -30.13 28.86
N ARG C 202 1.93 -30.35 30.11
CA ARG C 202 1.11 -30.97 31.12
C ARG C 202 -0.06 -30.10 31.60
N PHE C 203 0.16 -28.82 31.85
CA PHE C 203 -0.91 -27.98 32.37
C PHE C 203 -2.03 -27.82 31.34
N SER C 204 -3.27 -27.81 31.82
CA SER C 204 -4.43 -27.68 30.95
C SER C 204 -5.54 -26.97 31.70
N GLY C 205 -6.38 -26.26 30.97
CA GLY C 205 -7.45 -25.49 31.56
C GLY C 205 -8.74 -25.63 30.78
N SER C 206 -9.85 -25.36 31.46
CA SER C 206 -11.18 -25.43 30.87
C SER C 206 -12.14 -24.64 31.74
N GLY C 207 -13.39 -24.56 31.29
CA GLY C 207 -14.42 -23.79 31.95
C GLY C 207 -15.28 -23.06 30.94
N SER C 208 -16.33 -22.42 31.47
CA SER C 208 -17.29 -21.73 30.61
C SER C 208 -18.07 -20.71 31.42
N GLY C 209 -18.01 -19.45 30.99
CA GLY C 209 -18.84 -18.41 31.57
C GLY C 209 -18.31 -17.84 32.86
N THR C 210 -18.46 -18.58 33.95
CA THR C 210 -18.06 -18.11 35.28
C THR C 210 -17.26 -19.13 36.08
N ALA C 211 -17.34 -20.42 35.75
CA ALA C 211 -16.58 -21.45 36.45
C ALA C 211 -15.36 -21.80 35.60
N PHE C 212 -14.17 -21.54 36.15
CA PHE C 212 -12.91 -21.78 35.45
C PHE C 212 -12.00 -22.62 36.34
N THR C 213 -11.44 -23.68 35.76
CA THR C 213 -10.65 -24.65 36.50
C THR C 213 -9.33 -24.91 35.78
N LEU C 214 -8.29 -25.20 36.56
CA LEU C 214 -6.99 -25.58 36.04
C LEU C 214 -6.68 -27.01 36.47
N THR C 215 -6.42 -27.89 35.50
CA THR C 215 -6.16 -29.30 35.77
C THR C 215 -4.70 -29.62 35.52
N ILE C 216 -4.08 -30.29 36.49
CA ILE C 216 -2.66 -30.64 36.45
C ILE C 216 -2.57 -32.15 36.68
N SER C 217 -2.31 -32.90 35.62
CA SER C 217 -2.19 -34.35 35.75
C SER C 217 -0.73 -34.77 35.85
N ARG C 218 -0.50 -35.88 36.56
CA ARG C 218 0.83 -36.45 36.77
C ARG C 218 1.74 -35.43 37.47
N LEU C 219 1.35 -35.04 38.67
CA LEU C 219 2.00 -33.92 39.35
C LEU C 219 3.41 -34.28 39.77
N GLU C 220 4.33 -33.32 39.64
CA GLU C 220 5.71 -33.47 40.06
C GLU C 220 6.05 -32.52 41.21
N ALA C 221 7.23 -32.70 41.78
CA ALA C 221 7.64 -31.97 42.98
C ALA C 221 7.71 -30.46 42.75
N GLU C 222 8.25 -30.04 41.61
CA GLU C 222 8.47 -28.62 41.35
C GLU C 222 7.19 -27.89 40.93
N ASP C 223 6.04 -28.57 40.95
CA ASP C 223 4.77 -27.93 40.63
C ASP C 223 4.12 -27.25 41.82
N VAL C 224 4.80 -27.19 42.97
CA VAL C 224 4.21 -26.63 44.18
C VAL C 224 4.44 -25.12 44.22
N GLY C 225 3.55 -24.43 44.92
CA GLY C 225 3.59 -22.99 45.03
C GLY C 225 2.20 -22.39 45.10
N VAL C 226 2.11 -21.08 45.26
CA VAL C 226 0.81 -20.42 45.36
C VAL C 226 0.28 -20.17 43.95
N TYR C 227 -0.89 -20.71 43.66
CA TYR C 227 -1.56 -20.47 42.39
C TYR C 227 -2.40 -19.20 42.46
N TYR C 228 -2.75 -18.68 41.29
CA TYR C 228 -3.55 -17.49 41.19
C TYR C 228 -4.35 -17.55 39.89
N CYS C 229 -5.41 -16.76 39.82
CA CYS C 229 -6.14 -16.55 38.58
C CYS C 229 -6.44 -15.06 38.44
N MET C 230 -5.83 -14.44 37.43
CA MET C 230 -6.00 -13.03 37.13
C MET C 230 -6.91 -12.90 35.92
N GLN C 231 -7.61 -11.78 35.83
CA GLN C 231 -8.62 -11.60 34.80
C GLN C 231 -8.40 -10.26 34.09
N HIS C 232 -8.29 -10.32 32.77
CA HIS C 232 -8.26 -9.13 31.94
C HIS C 232 -9.71 -8.86 31.56
N LEU C 233 -9.96 -8.12 30.47
CA LEU C 233 -11.30 -7.75 30.00
C LEU C 233 -11.83 -6.49 30.66
N GLU C 234 -11.08 -5.91 31.59
CA GLU C 234 -11.41 -4.58 32.08
C GLU C 234 -10.33 -4.15 33.07
N TYR C 235 -10.13 -2.85 33.16
CA TYR C 235 -9.27 -2.31 34.20
C TYR C 235 -10.13 -1.79 35.34
N PRO C 236 -9.71 -1.95 36.61
CA PRO C 236 -8.45 -2.54 37.05
C PRO C 236 -8.44 -4.06 36.98
N LEU C 237 -7.23 -4.63 36.97
CA LEU C 237 -7.06 -6.08 36.90
C LEU C 237 -7.05 -6.67 38.30
N THR C 238 -8.03 -7.53 38.57
CA THR C 238 -8.23 -8.08 39.91
C THR C 238 -7.77 -9.52 39.95
N PHE C 239 -6.82 -9.79 40.83
CA PHE C 239 -6.31 -11.14 41.05
C PHE C 239 -7.28 -11.95 41.90
N GLY C 240 -7.04 -13.26 41.95
CA GLY C 240 -7.74 -14.12 42.89
C GLY C 240 -7.04 -14.17 44.22
N ALA C 241 -7.72 -14.77 45.19
CA ALA C 241 -7.13 -14.90 46.52
C ALA C 241 -5.88 -15.76 46.49
N GLY C 242 -5.92 -16.89 45.76
CA GLY C 242 -4.74 -17.70 45.56
C GLY C 242 -4.78 -19.04 46.25
N THR C 243 -4.79 -20.12 45.47
CA THR C 243 -4.71 -21.47 46.02
C THR C 243 -3.25 -21.89 46.13
N LYS C 244 -2.89 -22.53 47.23
CA LYS C 244 -1.53 -22.98 47.47
C LYS C 244 -1.51 -24.50 47.59
N LEU C 245 -0.83 -25.16 46.66
CA LEU C 245 -0.67 -26.61 46.72
C LEU C 245 0.40 -26.95 47.75
N GLU C 246 0.12 -27.94 48.58
CA GLU C 246 0.99 -28.34 49.67
C GLU C 246 1.44 -29.78 49.48
N LEU C 247 2.62 -30.10 50.00
CA LEU C 247 3.17 -31.44 49.92
C LEU C 247 4.28 -31.66 50.94
N THR D 83 -17.68 -1.16 20.79
CA THR D 83 -17.62 -2.46 21.51
C THR D 83 -16.25 -3.11 21.30
N LEU D 84 -15.23 -2.52 21.92
CA LEU D 84 -13.86 -3.00 21.81
C LEU D 84 -13.43 -3.61 23.13
N SER D 85 -12.91 -4.83 23.08
CA SER D 85 -12.40 -5.48 24.29
C SER D 85 -11.19 -4.71 24.81
N ALA D 86 -10.70 -5.11 25.98
CA ALA D 86 -9.59 -4.40 26.60
C ALA D 86 -8.33 -4.48 25.73
N GLU D 87 -8.06 -5.66 25.16
CA GLU D 87 -6.90 -5.81 24.29
C GLU D 87 -7.08 -5.04 22.99
N ASP D 88 -8.26 -5.16 22.36
CA ASP D 88 -8.44 -4.66 21.01
C ASP D 88 -8.12 -3.19 20.90
N LYS D 89 -8.31 -2.43 21.99
CA LYS D 89 -7.89 -1.03 21.97
C LYS D 89 -6.38 -0.91 21.83
N ALA D 90 -5.63 -1.73 22.56
CA ALA D 90 -4.18 -1.75 22.39
C ALA D 90 -3.80 -2.25 21.01
N ALA D 91 -4.54 -3.20 20.45
CA ALA D 91 -4.27 -3.67 19.10
C ALA D 91 -4.45 -2.55 18.09
N VAL D 92 -5.51 -1.75 18.23
CA VAL D 92 -5.72 -0.62 17.33
C VAL D 92 -4.63 0.42 17.54
N GLU D 93 -4.19 0.61 18.78
CA GLU D 93 -3.08 1.52 19.01
C GLU D 93 -1.83 1.07 18.25
N ARG D 94 -1.50 -0.22 18.32
CA ARG D 94 -0.34 -0.72 17.60
C ARG D 94 -0.54 -0.61 16.09
N SER D 95 -1.75 -0.87 15.61
CA SER D 95 -2.02 -0.74 14.18
C SER D 95 -1.81 0.70 13.72
N LYS D 96 -2.27 1.66 14.51
CA LYS D 96 -2.05 3.07 14.17
C LYS D 96 -0.56 3.39 14.19
N MET D 97 0.17 2.87 15.17
CA MET D 97 1.61 3.09 15.19
C MET D 97 2.28 2.56 13.93
N ILE D 98 1.94 1.33 13.54
CA ILE D 98 2.53 0.74 12.34
C ILE D 98 2.12 1.51 11.09
N ASP D 99 0.87 1.97 11.01
CA ASP D 99 0.45 2.75 9.86
C ASP D 99 1.18 4.09 9.77
N ARG D 100 1.40 4.76 10.90
CA ARG D 100 2.22 5.97 10.88
C ARG D 100 3.63 5.69 10.40
N ASN D 101 4.22 4.59 10.88
CA ASN D 101 5.56 4.23 10.42
C ASN D 101 5.58 3.97 8.93
N LEU D 102 4.56 3.27 8.42
CA LEU D 102 4.48 3.03 6.98
C LEU D 102 4.35 4.34 6.21
N ARG D 103 3.52 5.25 6.70
CA ARG D 103 3.34 6.52 6.00
C ARG D 103 4.65 7.28 5.91
N GLU D 104 5.39 7.38 7.03
CA GLU D 104 6.65 8.12 6.98
C GLU D 104 7.69 7.39 6.14
N ASP D 105 7.71 6.05 6.17
CA ASP D 105 8.65 5.32 5.33
C ASP D 105 8.37 5.55 3.85
N GLY D 106 7.11 5.53 3.45
CA GLY D 106 6.78 5.81 2.07
C GLY D 106 7.08 7.24 1.68
N GLU D 107 6.85 8.17 2.61
CA GLU D 107 7.22 9.56 2.36
C GLU D 107 8.71 9.68 2.06
N LYS D 108 9.54 8.99 2.86
CA LYS D 108 10.96 8.95 2.54
C LYS D 108 11.24 8.23 1.23
N ALA D 109 10.46 7.21 0.89
CA ALA D 109 10.65 6.48 -0.35
C ALA D 109 10.39 7.38 -1.56
N ALA D 110 9.47 8.32 -1.45
CA ALA D 110 9.20 9.27 -2.52
C ALA D 110 10.20 10.42 -2.55
N ARG D 111 11.18 10.43 -1.65
CA ARG D 111 12.17 11.49 -1.57
C ARG D 111 13.40 11.21 -2.44
N GLU D 112 13.52 10.01 -3.00
CA GLU D 112 14.75 9.55 -3.63
C GLU D 112 14.56 9.35 -5.12
N VAL D 113 15.65 9.53 -5.87
CA VAL D 113 15.60 9.45 -7.33
C VAL D 113 15.94 8.04 -7.78
N LYS D 114 15.13 7.51 -8.69
CA LYS D 114 15.28 6.14 -9.21
C LYS D 114 15.76 6.23 -10.65
N LEU D 115 17.02 5.83 -10.88
CA LEU D 115 17.68 5.94 -12.18
C LEU D 115 18.05 4.55 -12.67
N LEU D 116 17.12 3.90 -13.38
CA LEU D 116 17.41 2.58 -13.93
C LEU D 116 18.54 2.69 -14.96
N LEU D 117 19.48 1.75 -14.89
CA LEU D 117 20.66 1.75 -15.74
C LEU D 117 20.67 0.49 -16.60
N LEU D 118 20.75 0.68 -17.92
CA LEU D 118 20.80 -0.42 -18.87
C LEU D 118 22.04 -0.28 -19.74
N GLY D 119 22.21 -1.22 -20.67
CA GLY D 119 23.35 -1.21 -21.56
C GLY D 119 23.78 -2.61 -21.93
N ALA D 120 24.17 -2.81 -23.19
CA ALA D 120 24.59 -4.12 -23.65
C ALA D 120 25.95 -4.47 -23.03
N GLY D 121 26.49 -5.62 -23.42
CA GLY D 121 27.75 -6.06 -22.86
C GLY D 121 28.86 -5.06 -23.11
N GLU D 122 29.84 -5.06 -22.21
CA GLU D 122 31.00 -4.16 -22.28
C GLU D 122 30.60 -2.76 -22.71
N SER D 123 29.43 -2.31 -22.27
CA SER D 123 28.94 -0.98 -22.60
C SER D 123 29.51 0.11 -21.69
N GLY D 124 30.24 -0.28 -20.65
CA GLY D 124 30.82 0.69 -19.73
C GLY D 124 30.01 0.93 -18.47
N LYS D 125 28.90 0.22 -18.27
CA LYS D 125 28.12 0.40 -17.05
C LYS D 125 29.00 0.23 -15.82
N SER D 126 29.94 -0.73 -15.87
CA SER D 126 30.92 -0.85 -14.80
C SER D 126 31.75 0.42 -14.70
N THR D 127 32.18 0.97 -15.84
CA THR D 127 32.91 2.22 -15.82
C THR D 127 32.07 3.34 -15.21
N ILE D 128 30.80 3.41 -15.59
CA ILE D 128 29.93 4.46 -15.06
C ILE D 128 29.84 4.36 -13.55
N VAL D 129 29.59 3.16 -13.04
CA VAL D 129 29.40 3.01 -11.59
C VAL D 129 30.69 3.27 -10.84
N LYS D 130 31.84 2.86 -11.38
CA LYS D 130 33.08 3.06 -10.65
C LYS D 130 33.51 4.52 -10.67
N GLN D 131 33.32 5.22 -11.79
CA GLN D 131 33.80 6.60 -11.88
C GLN D 131 32.91 7.54 -11.10
N MET D 132 31.60 7.30 -11.08
CA MET D 132 30.68 8.19 -10.41
C MET D 132 30.95 8.18 -8.90
N LYS D 133 30.20 9.01 -8.19
CA LYS D 133 30.33 9.15 -6.75
C LYS D 133 30.40 7.80 -6.06
N GLY D 262 22.62 -10.82 -9.45
CA GLY D 262 21.34 -10.26 -9.86
C GLY D 262 21.32 -8.74 -9.81
N ILE D 263 20.15 -8.19 -9.51
CA ILE D 263 20.03 -6.74 -9.42
C ILE D 263 21.04 -6.20 -8.42
N VAL D 264 21.61 -5.05 -8.73
CA VAL D 264 22.57 -4.37 -7.87
C VAL D 264 22.08 -2.95 -7.64
N GLU D 265 22.03 -2.53 -6.39
CA GLU D 265 21.58 -1.19 -6.02
C GLU D 265 22.78 -0.38 -5.57
N THR D 266 22.93 0.81 -6.14
CA THR D 266 24.04 1.72 -5.82
C THR D 266 23.43 3.01 -5.30
N HIS D 267 23.53 3.23 -3.99
CA HIS D 267 22.93 4.38 -3.34
C HIS D 267 23.99 5.43 -3.03
N PHE D 268 23.87 6.58 -3.68
CA PHE D 268 24.70 7.73 -3.33
C PHE D 268 23.85 8.99 -3.38
N THR D 269 24.38 10.07 -2.80
CA THR D 269 23.71 11.36 -2.74
C THR D 269 24.58 12.40 -3.42
N PHE D 270 23.95 13.43 -3.98
CA PHE D 270 24.65 14.55 -4.58
C PHE D 270 23.81 15.79 -4.44
N LYS D 271 24.45 16.87 -3.96
CA LYS D 271 23.81 18.17 -3.84
C LYS D 271 22.45 18.05 -3.15
N ASP D 272 22.43 17.35 -2.02
CA ASP D 272 21.29 17.18 -1.14
C ASP D 272 20.20 16.32 -1.78
N LEU D 273 20.46 15.63 -2.88
CA LEU D 273 19.49 14.73 -3.49
C LEU D 273 20.05 13.31 -3.51
N HIS D 274 19.16 12.34 -3.28
CA HIS D 274 19.55 10.96 -3.13
C HIS D 274 19.14 10.16 -4.37
N PHE D 275 20.09 9.40 -4.92
CA PHE D 275 19.89 8.62 -6.13
C PHE D 275 19.94 7.13 -5.81
N LYS D 276 19.10 6.36 -6.48
CA LYS D 276 19.06 4.90 -6.36
C LYS D 276 19.11 4.31 -7.78
N MET D 277 20.31 4.13 -8.30
CA MET D 277 20.47 3.55 -9.63
C MET D 277 20.57 2.03 -9.53
N PHE D 278 19.76 1.34 -10.33
CA PHE D 278 19.62 -0.10 -10.26
C PHE D 278 20.18 -0.73 -11.53
N ASP D 279 21.28 -1.46 -11.41
CA ASP D 279 21.95 -2.10 -12.53
C ASP D 279 21.29 -3.47 -12.75
N VAL D 280 20.48 -3.57 -13.80
CA VAL D 280 19.82 -4.84 -14.12
C VAL D 280 20.72 -5.64 -15.03
N GLY D 281 21.97 -5.19 -15.21
CA GLY D 281 22.89 -5.91 -16.07
C GLY D 281 23.17 -7.32 -15.58
N GLY D 282 23.14 -7.53 -14.27
CA GLY D 282 23.41 -8.86 -13.74
C GLY D 282 22.44 -9.90 -14.23
N GLN D 283 21.17 -9.53 -14.38
CA GLN D 283 20.17 -10.48 -14.85
C GLN D 283 20.60 -11.10 -16.17
N ARG D 284 20.87 -12.41 -16.14
CA ARG D 284 21.35 -13.12 -17.33
C ARG D 284 20.23 -13.45 -18.30
N SER D 285 18.98 -13.25 -17.92
CA SER D 285 17.84 -13.56 -18.77
C SER D 285 17.37 -12.27 -19.42
N GLU D 286 17.53 -12.18 -20.75
CA GLU D 286 17.04 -11.03 -21.51
C GLU D 286 15.60 -11.25 -21.94
N ARG D 287 14.74 -11.58 -20.96
CA ARG D 287 13.33 -11.82 -21.22
C ARG D 287 12.45 -10.64 -20.85
N LYS D 288 13.00 -9.65 -20.14
CA LYS D 288 12.27 -8.43 -19.82
C LYS D 288 10.97 -8.72 -19.09
N LYS D 289 11.03 -9.65 -18.14
CA LYS D 289 9.93 -9.90 -17.22
C LYS D 289 10.08 -9.13 -15.92
N TRP D 290 11.12 -8.31 -15.79
CA TRP D 290 11.28 -7.47 -14.63
C TRP D 290 11.26 -5.98 -14.95
N ILE D 291 11.44 -5.61 -16.22
CA ILE D 291 11.56 -4.19 -16.54
C ILE D 291 10.31 -3.42 -16.10
N HIS D 292 9.15 -4.06 -16.20
CA HIS D 292 7.92 -3.34 -15.87
C HIS D 292 7.84 -2.94 -14.42
N CYS D 293 8.63 -3.55 -13.54
CA CYS D 293 8.67 -3.08 -12.16
C CYS D 293 9.39 -1.76 -12.03
N PHE D 294 10.10 -1.31 -13.07
CA PHE D 294 10.88 -0.09 -13.02
C PHE D 294 10.12 1.13 -13.51
N GLU D 295 8.83 1.00 -13.81
CA GLU D 295 8.03 2.16 -14.14
C GLU D 295 8.13 3.19 -13.04
N GLY D 296 8.11 4.47 -13.44
CA GLY D 296 8.19 5.56 -12.49
C GLY D 296 9.60 6.04 -12.20
N VAL D 297 10.62 5.34 -12.70
CA VAL D 297 11.98 5.83 -12.53
C VAL D 297 12.08 7.23 -13.11
N THR D 298 12.87 8.08 -12.44
CA THR D 298 12.99 9.46 -12.87
C THR D 298 13.52 9.55 -14.30
N ALA D 299 14.55 8.76 -14.61
CA ALA D 299 15.13 8.74 -15.94
C ALA D 299 16.13 7.60 -16.00
N ILE D 300 16.21 6.94 -17.15
CA ILE D 300 17.06 5.77 -17.28
C ILE D 300 18.40 6.21 -17.89
N ILE D 301 19.38 5.32 -17.80
CA ILE D 301 20.72 5.58 -18.32
C ILE D 301 21.12 4.50 -19.31
N PHE D 302 20.96 4.77 -20.60
CA PHE D 302 21.56 3.93 -21.63
C PHE D 302 23.03 4.29 -21.78
N CYS D 303 23.89 3.28 -21.79
CA CYS D 303 25.32 3.47 -21.94
C CYS D 303 25.82 2.71 -23.17
N VAL D 304 26.77 3.30 -23.87
CA VAL D 304 27.35 2.69 -25.06
C VAL D 304 28.66 3.43 -25.37
N ALA D 305 29.52 2.78 -26.15
CA ALA D 305 30.79 3.36 -26.56
C ALA D 305 30.92 3.28 -28.07
N LEU D 306 31.61 4.26 -28.65
CA LEU D 306 31.83 4.27 -30.10
C LEU D 306 32.56 3.02 -30.54
N SER D 307 33.62 2.64 -29.84
CA SER D 307 34.41 1.47 -30.20
C SER D 307 33.58 0.20 -30.12
N ASN D 320 29.84 -5.63 -35.17
CA ASN D 320 28.62 -4.89 -35.42
C ASN D 320 27.89 -4.57 -34.11
N ARG D 321 28.68 -4.22 -33.10
CA ARG D 321 28.11 -3.93 -31.78
C ARG D 321 27.21 -2.70 -31.82
N MET D 322 27.59 -1.68 -32.59
CA MET D 322 26.78 -0.47 -32.66
C MET D 322 25.36 -0.77 -33.12
N HIS D 323 25.19 -1.72 -34.05
CA HIS D 323 23.85 -2.06 -34.50
C HIS D 323 23.04 -2.68 -33.38
N GLU D 324 23.65 -3.55 -32.57
CA GLU D 324 22.96 -4.10 -31.42
C GLU D 324 22.56 -3.00 -30.44
N SER D 325 23.45 -2.03 -30.23
CA SER D 325 23.11 -0.91 -29.37
C SER D 325 21.94 -0.11 -29.93
N MET D 326 21.91 0.09 -31.25
CA MET D 326 20.78 0.76 -31.87
C MET D 326 19.48 0.01 -31.60
N LYS D 327 19.50 -1.31 -31.83
CA LYS D 327 18.29 -2.08 -31.63
C LYS D 327 17.83 -2.04 -30.18
N LEU D 328 18.76 -2.15 -29.23
CA LEU D 328 18.40 -2.10 -27.82
C LEU D 328 17.82 -0.74 -27.45
N PHE D 329 18.43 0.34 -27.96
CA PHE D 329 17.90 1.67 -27.69
C PHE D 329 16.49 1.82 -28.23
N ASP D 330 16.25 1.34 -29.44
CA ASP D 330 14.91 1.41 -30.01
C ASP D 330 13.92 0.63 -29.16
N SER D 331 14.31 -0.58 -28.72
CA SER D 331 13.42 -1.38 -27.90
C SER D 331 13.09 -0.67 -26.59
N ILE D 332 14.09 -0.05 -25.96
CA ILE D 332 13.83 0.68 -24.72
C ILE D 332 12.90 1.86 -24.98
N CYS D 333 13.13 2.62 -26.06
CA CYS D 333 12.28 3.78 -26.33
C CYS D 333 10.84 3.37 -26.58
N ASN D 334 10.61 2.31 -27.35
CA ASN D 334 9.26 1.97 -27.80
C ASN D 334 8.43 1.26 -26.73
N ASN D 335 9.00 0.92 -25.58
CA ASN D 335 8.22 0.22 -24.56
C ASN D 335 7.07 1.09 -24.07
N LYS D 336 5.93 0.43 -23.84
CA LYS D 336 4.78 1.09 -23.25
C LYS D 336 5.06 1.62 -21.86
N TRP D 337 5.93 0.96 -21.10
CA TRP D 337 6.16 1.28 -19.70
C TRP D 337 7.12 2.44 -19.51
N PHE D 338 8.00 2.70 -20.48
CA PHE D 338 8.89 3.85 -20.44
C PHE D 338 8.43 4.95 -21.39
N THR D 339 7.20 4.87 -21.88
CA THR D 339 6.73 5.79 -22.91
C THR D 339 6.83 7.25 -22.49
N ASP D 340 6.78 7.53 -21.19
CA ASP D 340 6.81 8.90 -20.69
C ASP D 340 8.01 9.10 -19.80
N THR D 341 9.03 8.27 -19.94
CA THR D 341 10.23 8.31 -19.12
C THR D 341 11.41 8.69 -19.99
N SER D 342 11.96 9.87 -19.76
CA SER D 342 13.06 10.36 -20.58
C SER D 342 14.25 9.43 -20.45
N ILE D 343 15.09 9.41 -21.48
CA ILE D 343 16.29 8.58 -21.53
C ILE D 343 17.50 9.49 -21.48
N ILE D 344 18.61 8.97 -20.96
CA ILE D 344 19.86 9.70 -20.87
C ILE D 344 20.95 8.80 -21.40
N LEU D 345 21.53 9.18 -22.53
CA LEU D 345 22.58 8.41 -23.17
C LEU D 345 23.95 9.01 -22.85
N PHE D 346 24.88 8.18 -22.40
CA PHE D 346 26.26 8.61 -22.16
C PHE D 346 27.21 7.90 -23.10
N LEU D 347 28.10 8.68 -23.71
CA LEU D 347 29.28 8.19 -24.44
C LEU D 347 30.43 9.05 -23.93
N ASN D 348 31.07 8.62 -22.84
CA ASN D 348 31.97 9.51 -22.13
C ASN D 348 33.41 9.33 -22.58
N LYS D 349 33.89 8.09 -22.65
CA LYS D 349 35.28 7.85 -23.00
C LYS D 349 35.58 8.48 -24.36
N LYS D 350 36.56 9.40 -24.38
CA LYS D 350 36.84 10.20 -25.55
C LYS D 350 38.30 10.13 -25.97
N ASP D 351 39.18 9.57 -25.15
CA ASP D 351 40.59 9.50 -25.47
C ASP D 351 40.90 8.44 -26.53
N LEU D 352 40.02 7.45 -26.71
CA LEU D 352 40.23 6.40 -27.69
C LEU D 352 39.16 6.36 -28.78
N PHE D 353 38.02 7.03 -28.59
CA PHE D 353 36.99 7.04 -29.62
C PHE D 353 37.53 7.59 -30.93
N GLU D 354 38.49 8.52 -30.87
CA GLU D 354 38.98 9.20 -32.06
C GLU D 354 40.26 8.59 -32.61
N GLU D 355 41.07 7.95 -31.77
CA GLU D 355 42.29 7.33 -32.25
C GLU D 355 41.99 6.24 -33.28
N LYS D 356 40.98 5.42 -33.02
CA LYS D 356 40.68 4.29 -33.89
C LYS D 356 39.91 4.69 -35.15
N ILE D 357 39.43 5.93 -35.24
CA ILE D 357 38.69 6.35 -36.42
C ILE D 357 39.61 6.34 -37.65
N LYS D 358 40.89 6.67 -37.47
CA LYS D 358 41.80 6.75 -38.60
C LYS D 358 41.85 5.45 -39.39
N LYS D 359 41.60 4.31 -38.75
CA LYS D 359 41.64 3.05 -39.48
C LYS D 359 40.59 3.02 -40.58
N SER D 360 39.40 3.60 -40.32
CA SER D 360 38.25 3.50 -41.25
C SER D 360 37.07 4.34 -40.77
N PRO D 361 36.20 4.85 -41.67
CA PRO D 361 35.03 5.62 -41.28
C PRO D 361 33.89 4.74 -40.74
N LEU D 362 32.76 5.35 -40.40
CA LEU D 362 31.54 4.61 -39.97
C LEU D 362 30.93 3.93 -41.19
N THR D 363 31.69 3.02 -41.83
CA THR D 363 31.22 2.16 -42.91
C THR D 363 31.78 0.76 -42.78
N ILE D 364 32.43 0.42 -41.66
CA ILE D 364 32.89 -0.95 -41.45
C ILE D 364 31.71 -1.91 -41.55
N CYS D 365 30.55 -1.49 -41.02
CA CYS D 365 29.31 -2.20 -41.27
C CYS D 365 28.16 -1.25 -41.52
N TYR D 366 28.41 0.04 -41.72
CA TYR D 366 27.36 1.05 -41.89
C TYR D 366 27.68 1.88 -43.13
N PRO D 367 27.55 1.29 -44.32
CA PRO D 367 27.97 2.01 -45.53
C PRO D 367 27.22 3.30 -45.79
N GLU D 368 26.04 3.48 -45.19
CA GLU D 368 25.21 4.64 -45.51
C GLU D 368 25.91 5.96 -45.21
N TYR D 369 26.89 5.96 -44.31
CA TYR D 369 27.59 7.20 -43.98
C TYR D 369 28.31 7.74 -45.21
N ALA D 370 28.27 9.06 -45.38
CA ALA D 370 28.90 9.69 -46.52
C ALA D 370 29.65 10.98 -46.17
N GLY D 371 29.69 11.37 -44.89
CA GLY D 371 30.36 12.57 -44.48
C GLY D 371 31.87 12.38 -44.35
N SER D 372 32.55 13.48 -44.09
CA SER D 372 34.00 13.42 -43.88
C SER D 372 34.32 12.55 -42.68
N ASN D 373 35.42 11.80 -42.78
CA ASN D 373 35.80 10.85 -41.74
C ASN D 373 36.58 11.61 -40.65
N THR D 374 35.84 12.30 -39.80
CA THR D 374 36.42 13.01 -38.67
C THR D 374 35.60 12.72 -37.41
N TYR D 375 36.22 12.88 -36.23
CA TYR D 375 35.56 12.54 -34.98
C TYR D 375 34.55 13.59 -34.54
N GLU D 376 34.60 14.79 -35.11
CA GLU D 376 33.54 15.77 -34.87
C GLU D 376 32.26 15.41 -35.62
N GLU D 377 32.38 14.97 -36.87
CA GLU D 377 31.20 14.67 -37.69
C GLU D 377 30.73 13.25 -37.51
N ALA D 378 31.66 12.29 -37.40
CA ALA D 378 31.26 10.89 -37.25
C ALA D 378 30.46 10.68 -35.98
N ALA D 379 30.94 11.22 -34.86
CA ALA D 379 30.22 11.07 -33.61
C ALA D 379 28.86 11.74 -33.68
N ALA D 380 28.79 12.93 -34.28
CA ALA D 380 27.51 13.62 -34.41
C ALA D 380 26.53 12.80 -35.24
N TYR D 381 27.02 12.20 -36.33
CA TYR D 381 26.15 11.38 -37.16
C TYR D 381 25.66 10.15 -36.41
N ILE D 382 26.54 9.52 -35.64
CA ILE D 382 26.14 8.36 -34.84
C ILE D 382 25.06 8.78 -33.85
N GLN D 383 25.27 9.90 -33.17
CA GLN D 383 24.28 10.39 -32.21
C GLN D 383 22.95 10.67 -32.88
N CYS D 384 22.98 11.32 -34.05
CA CYS D 384 21.74 11.61 -34.76
C CYS D 384 21.03 10.33 -35.14
N GLN D 385 21.77 9.33 -35.60
CA GLN D 385 21.14 8.05 -35.95
C GLN D 385 20.52 7.39 -34.72
N PHE D 386 21.21 7.47 -33.57
CA PHE D 386 20.62 6.92 -32.35
C PHE D 386 19.31 7.62 -32.02
N GLU D 387 19.33 8.95 -31.96
CA GLU D 387 18.11 9.68 -31.57
C GLU D 387 17.01 9.52 -32.60
N ASP D 388 17.35 9.23 -33.85
CA ASP D 388 16.32 8.98 -34.85
C ASP D 388 15.45 7.81 -34.48
N LEU D 389 15.94 6.91 -33.63
CA LEU D 389 15.14 5.80 -33.14
C LEU D 389 14.05 6.23 -32.18
N ASN D 390 14.09 7.49 -31.73
CA ASN D 390 13.03 8.02 -30.88
C ASN D 390 11.76 8.16 -31.70
N LYS D 391 10.83 7.24 -31.53
CA LYS D 391 9.61 7.22 -32.32
C LYS D 391 8.53 8.15 -31.80
N ARG D 392 8.75 8.80 -30.65
CA ARG D 392 7.78 9.74 -30.10
C ARG D 392 8.51 10.72 -29.21
N LYS D 393 8.74 11.93 -29.73
CA LYS D 393 9.39 13.00 -28.97
C LYS D 393 8.40 13.94 -28.31
N ASP D 394 7.13 13.91 -28.72
CA ASP D 394 6.14 14.81 -28.15
C ASP D 394 6.09 14.71 -26.63
N THR D 395 5.95 13.50 -26.10
CA THR D 395 5.88 13.29 -24.66
C THR D 395 7.27 13.10 -24.04
N LYS D 396 8.15 12.40 -24.76
CA LYS D 396 9.43 11.99 -24.23
C LYS D 396 10.57 12.80 -24.84
N GLU D 397 11.67 12.89 -24.09
CA GLU D 397 12.86 13.59 -24.55
C GLU D 397 14.05 12.64 -24.49
N ILE D 398 15.18 13.11 -25.03
CA ILE D 398 16.43 12.35 -25.06
C ILE D 398 17.56 13.27 -24.62
N TYR D 399 18.56 12.69 -23.98
CA TYR D 399 19.71 13.45 -23.48
C TYR D 399 20.98 12.67 -23.83
N THR D 400 22.05 13.41 -24.11
CA THR D 400 23.30 12.78 -24.54
C THR D 400 24.48 13.50 -23.91
N HIS D 401 25.59 12.77 -23.81
CA HIS D 401 26.85 13.33 -23.30
C HIS D 401 28.02 12.72 -24.04
N PHE D 402 29.04 13.54 -24.29
CA PHE D 402 30.21 13.14 -25.06
C PHE D 402 31.53 13.48 -24.38
N THR D 403 31.54 14.43 -23.44
CA THR D 403 32.79 14.86 -22.83
C THR D 403 33.55 13.67 -22.25
N CYS D 404 34.86 13.85 -22.12
CA CYS D 404 35.73 12.78 -21.66
C CYS D 404 35.30 12.31 -20.26
N ALA D 405 35.37 10.99 -20.06
CA ALA D 405 35.00 10.41 -18.77
C ALA D 405 35.95 10.79 -17.66
N THR D 406 37.19 11.17 -17.98
CA THR D 406 38.18 11.44 -16.94
C THR D 406 37.75 12.61 -16.06
N ASP D 407 37.21 13.66 -16.65
CA ASP D 407 36.80 14.82 -15.88
C ASP D 407 35.49 14.55 -15.16
N THR D 408 35.34 15.15 -13.99
CA THR D 408 34.21 14.87 -13.10
C THR D 408 33.02 15.75 -13.50
N LYS D 409 32.55 15.54 -14.73
CA LYS D 409 31.36 16.21 -15.23
C LYS D 409 30.22 15.24 -15.53
N ASN D 410 30.47 13.93 -15.54
CA ASN D 410 29.39 12.98 -15.80
C ASN D 410 28.28 13.13 -14.76
N VAL D 411 28.65 13.24 -13.49
CA VAL D 411 27.64 13.32 -12.43
C VAL D 411 26.79 14.57 -12.61
N GLN D 412 27.41 15.69 -12.94
CA GLN D 412 26.66 16.94 -13.06
C GLN D 412 25.57 16.81 -14.12
N PHE D 413 25.87 16.17 -15.25
CA PHE D 413 24.86 15.97 -16.28
C PHE D 413 23.69 15.14 -15.74
N VAL D 414 23.99 14.11 -14.95
CA VAL D 414 22.92 13.34 -14.32
C VAL D 414 22.08 14.25 -13.45
N PHE D 415 22.73 15.17 -12.73
CA PHE D 415 22.00 16.11 -11.87
C PHE D 415 21.13 17.05 -12.71
N ASP D 416 21.66 17.54 -13.82
CA ASP D 416 20.89 18.47 -14.65
C ASP D 416 19.70 17.78 -15.27
N ALA D 417 19.89 16.59 -15.82
CA ALA D 417 18.81 15.89 -16.49
C ALA D 417 17.69 15.54 -15.52
N VAL D 418 18.05 15.04 -14.33
CA VAL D 418 17.02 14.72 -13.34
C VAL D 418 16.28 16.00 -12.94
N THR D 419 17.01 17.09 -12.73
CA THR D 419 16.37 18.35 -12.40
C THR D 419 15.32 18.72 -13.45
N ASP D 420 15.72 18.72 -14.71
CA ASP D 420 14.80 19.16 -15.76
C ASP D 420 13.62 18.20 -15.89
N VAL D 421 13.87 16.89 -15.80
CA VAL D 421 12.76 15.95 -15.99
C VAL D 421 11.77 16.05 -14.84
N ILE D 422 12.25 16.24 -13.61
CA ILE D 422 11.33 16.41 -12.49
C ILE D 422 10.55 17.72 -12.63
N ILE D 423 11.20 18.79 -13.08
CA ILE D 423 10.50 20.04 -13.27
C ILE D 423 9.40 19.87 -14.32
N LYS D 424 9.71 19.17 -15.41
CA LYS D 424 8.71 18.95 -16.45
C LYS D 424 7.60 18.02 -15.97
N ASN D 425 7.91 17.06 -15.11
CA ASN D 425 6.87 16.24 -14.52
C ASN D 425 5.95 17.07 -13.65
N ASN D 426 6.53 17.99 -12.87
CA ASN D 426 5.73 18.87 -12.03
C ASN D 426 4.78 19.71 -12.89
N LEU D 427 5.35 20.50 -13.81
CA LEU D 427 4.51 21.36 -14.64
C LEU D 427 3.54 20.54 -15.47
N LYS D 428 3.91 19.30 -15.80
CA LYS D 428 3.02 18.38 -16.49
C LYS D 428 1.79 18.07 -15.65
N ASP D 429 1.98 17.87 -14.34
CA ASP D 429 0.86 17.56 -13.46
C ASP D 429 -0.13 18.71 -13.40
N CYS D 430 0.37 19.94 -13.29
CA CYS D 430 -0.49 21.10 -13.12
C CYS D 430 -1.42 21.34 -14.31
N GLY D 431 -1.07 20.84 -15.48
CA GLY D 431 -1.71 21.25 -16.71
C GLY D 431 -1.15 22.54 -17.28
N LEU D 432 -0.23 23.19 -16.56
CA LEU D 432 0.43 24.37 -17.10
C LEU D 432 1.08 24.08 -18.44
N PHE D 433 1.56 22.85 -18.62
CA PHE D 433 2.14 22.44 -19.90
C PHE D 433 1.03 22.18 -20.91
N SER E 34 -38.85 46.68 -15.75
CA SER E 34 -38.29 46.83 -17.13
C SER E 34 -37.85 45.49 -17.69
N TRP E 35 -37.66 45.43 -19.01
CA TRP E 35 -37.16 44.20 -19.62
C TRP E 35 -35.78 43.84 -19.09
N THR E 36 -35.04 44.82 -18.58
CA THR E 36 -33.71 44.55 -18.04
C THR E 36 -33.77 43.57 -16.88
N SER E 37 -34.76 43.74 -15.99
CA SER E 37 -34.85 42.87 -14.82
C SER E 37 -35.03 41.42 -15.23
N VAL E 38 -35.97 41.14 -16.14
CA VAL E 38 -36.17 39.76 -16.58
C VAL E 38 -34.92 39.25 -17.28
N THR E 39 -34.32 40.07 -18.14
CA THR E 39 -33.06 39.67 -18.77
C THR E 39 -32.00 39.42 -17.71
N TYR E 40 -31.85 40.35 -16.75
CA TYR E 40 -30.89 40.14 -15.68
C TYR E 40 -31.24 38.91 -14.86
N ILE E 41 -32.52 38.73 -14.55
CA ILE E 41 -32.95 37.52 -13.85
C ILE E 41 -32.70 36.30 -14.72
N THR E 42 -33.07 36.38 -16.00
CA THR E 42 -32.92 35.22 -16.88
C THR E 42 -31.46 34.88 -17.11
N VAL E 43 -30.61 35.89 -17.33
CA VAL E 43 -29.19 35.62 -17.57
C VAL E 43 -28.53 35.12 -16.29
N GLU E 44 -29.00 35.61 -15.14
CA GLU E 44 -28.41 35.25 -13.83
C GLU E 44 -28.67 33.79 -13.51
N ILE E 45 -29.91 33.31 -13.68
CA ILE E 45 -30.27 31.96 -13.28
C ILE E 45 -29.54 30.93 -14.12
N LEU E 46 -29.49 31.13 -15.44
CA LEU E 46 -28.85 30.16 -16.31
C LEU E 46 -27.36 30.03 -16.00
N ILE E 47 -26.70 31.15 -15.70
CA ILE E 47 -25.29 31.12 -15.36
C ILE E 47 -25.06 30.27 -14.12
N GLY E 48 -25.90 30.43 -13.10
CA GLY E 48 -25.75 29.63 -11.89
C GLY E 48 -25.98 28.15 -12.16
N LEU E 49 -26.98 27.83 -12.97
CA LEU E 49 -27.25 26.42 -13.28
C LEU E 49 -26.05 25.79 -13.98
N CYS E 50 -25.44 26.51 -14.92
CA CYS E 50 -24.26 25.98 -15.62
C CYS E 50 -23.12 25.74 -14.63
N ALA E 51 -22.91 26.66 -13.69
CA ALA E 51 -21.87 26.47 -12.70
C ALA E 51 -22.12 25.22 -11.88
N ILE E 52 -23.38 24.97 -11.50
CA ILE E 52 -23.68 23.79 -10.70
C ILE E 52 -23.34 22.52 -11.48
N VAL E 53 -23.81 22.41 -12.72
CA VAL E 53 -23.51 21.23 -13.51
C VAL E 53 -22.01 21.15 -13.77
N GLY E 54 -21.40 22.26 -14.18
CA GLY E 54 -19.99 22.23 -14.54
C GLY E 54 -19.10 21.88 -13.37
N ASN E 55 -19.31 22.55 -12.23
CA ASN E 55 -18.46 22.28 -11.07
C ASN E 55 -18.75 20.92 -10.47
N VAL E 56 -19.99 20.47 -10.53
CA VAL E 56 -20.31 19.11 -10.08
C VAL E 56 -19.50 18.09 -10.87
N LEU E 57 -19.35 18.32 -12.18
CA LEU E 57 -18.58 17.40 -12.99
C LEU E 57 -17.11 17.41 -12.58
N VAL E 58 -16.56 18.58 -12.26
CA VAL E 58 -15.17 18.64 -11.82
C VAL E 58 -15.01 17.86 -10.51
N ILE E 59 -15.92 18.05 -9.57
CA ILE E 59 -15.91 17.23 -8.36
C ILE E 59 -16.11 15.77 -8.73
N TRP E 60 -17.02 15.49 -9.65
CA TRP E 60 -17.26 14.11 -10.07
C TRP E 60 -15.98 13.46 -10.55
N VAL E 61 -15.26 14.13 -11.46
CA VAL E 61 -14.13 13.50 -12.12
C VAL E 61 -13.04 13.14 -11.12
N VAL E 62 -12.73 14.06 -10.20
CA VAL E 62 -11.55 13.89 -9.36
C VAL E 62 -11.64 12.61 -8.53
N LYS E 63 -12.81 12.35 -7.93
CA LYS E 63 -12.90 11.23 -7.00
C LYS E 63 -12.95 9.89 -7.73
N LEU E 64 -13.57 9.83 -8.90
CA LEU E 64 -13.63 8.56 -9.63
C LEU E 64 -12.24 8.04 -9.95
N ASN E 65 -11.25 8.92 -10.00
CA ASN E 65 -9.89 8.52 -10.32
C ASN E 65 -9.00 8.71 -9.10
N PRO E 66 -8.77 7.68 -8.29
CA PRO E 66 -7.85 7.82 -7.16
C PRO E 66 -6.46 8.31 -7.55
N SER E 67 -6.14 8.40 -8.83
CA SER E 67 -4.87 8.99 -9.23
C SER E 67 -4.92 10.51 -9.26
N LEU E 68 -6.11 11.12 -9.13
CA LEU E 68 -6.28 12.55 -9.31
C LEU E 68 -6.46 13.28 -7.98
N GLN E 69 -5.75 12.87 -6.94
CA GLN E 69 -5.85 13.48 -5.61
C GLN E 69 -4.47 13.87 -5.10
N THR E 70 -3.67 14.51 -5.95
CA THR E 70 -2.38 15.05 -5.57
C THR E 70 -2.57 16.47 -5.07
N THR E 71 -1.45 17.15 -4.79
CA THR E 71 -1.53 18.49 -4.22
C THR E 71 -2.30 19.43 -5.12
N THR E 72 -2.04 19.35 -6.43
CA THR E 72 -2.70 20.28 -7.36
C THR E 72 -4.21 20.13 -7.31
N PHE E 73 -4.70 18.90 -7.17
CA PHE E 73 -6.14 18.67 -7.19
C PHE E 73 -6.80 18.97 -5.85
N TYR E 74 -6.02 19.22 -4.80
CA TYR E 74 -6.60 19.72 -3.56
C TYR E 74 -7.09 21.15 -3.73
N PHE E 75 -6.30 21.99 -4.41
CA PHE E 75 -6.74 23.35 -4.68
C PHE E 75 -7.97 23.36 -5.57
N ILE E 76 -7.95 22.56 -6.64
CA ILE E 76 -9.02 22.61 -7.62
C ILE E 76 -10.35 22.17 -7.02
N VAL E 77 -10.33 21.10 -6.23
CA VAL E 77 -11.58 20.65 -5.61
C VAL E 77 -12.13 21.72 -4.69
N SER E 78 -11.26 22.36 -3.90
CA SER E 78 -11.72 23.44 -3.03
C SER E 78 -12.30 24.59 -3.85
N LEU E 79 -11.63 24.95 -4.94
CA LEU E 79 -12.12 26.02 -5.80
C LEU E 79 -13.49 25.67 -6.36
N ALA E 80 -13.67 24.42 -6.79
CA ALA E 80 -14.98 23.99 -7.26
C ALA E 80 -16.03 24.13 -6.16
N LEU E 81 -15.66 23.77 -4.93
CA LEU E 81 -16.58 23.93 -3.82
C LEU E 81 -16.94 25.40 -3.61
N ALA E 82 -15.98 26.30 -3.79
CA ALA E 82 -16.30 27.72 -3.72
C ALA E 82 -17.32 28.09 -4.78
N ASP E 83 -17.14 27.60 -6.01
CA ASP E 83 -18.01 28.02 -7.10
C ASP E 83 -19.37 27.34 -7.04
N ILE E 84 -19.46 26.11 -6.55
CA ILE E 84 -20.75 25.45 -6.47
C ILE E 84 -21.71 26.26 -5.61
N ALA E 85 -21.23 26.79 -4.49
CA ALA E 85 -22.06 27.67 -3.68
C ALA E 85 -22.42 28.94 -4.43
N VAL E 86 -21.44 29.53 -5.14
CA VAL E 86 -21.70 30.74 -5.92
C VAL E 86 -22.77 30.51 -6.98
N GLY E 87 -23.09 29.25 -7.28
CA GLY E 87 -24.14 28.95 -8.24
C GLY E 87 -25.41 28.45 -7.58
N VAL E 88 -25.28 27.90 -6.37
CA VAL E 88 -26.44 27.34 -5.66
C VAL E 88 -27.11 28.39 -4.78
N LEU E 89 -26.32 29.16 -4.04
CA LEU E 89 -26.86 30.12 -3.07
C LEU E 89 -26.81 31.55 -3.57
N VAL E 90 -25.64 32.01 -4.04
CA VAL E 90 -25.53 33.38 -4.51
C VAL E 90 -26.45 33.66 -5.68
N MET E 91 -26.77 32.63 -6.47
CA MET E 91 -27.64 32.83 -7.62
C MET E 91 -29.07 33.11 -7.18
N PRO E 92 -29.72 32.22 -6.42
CA PRO E 92 -31.06 32.59 -5.92
C PRO E 92 -31.06 33.86 -5.11
N LEU E 93 -30.01 34.11 -4.33
CA LEU E 93 -29.95 35.32 -3.51
C LEU E 93 -29.94 36.57 -4.40
N ALA E 94 -29.17 36.53 -5.48
CA ALA E 94 -29.15 37.68 -6.39
C ALA E 94 -30.54 37.98 -6.92
N ILE E 95 -31.32 36.95 -7.23
CA ILE E 95 -32.69 37.15 -7.68
C ILE E 95 -33.51 37.82 -6.58
N VAL E 96 -33.34 37.36 -5.34
CA VAL E 96 -34.11 37.90 -4.23
C VAL E 96 -33.79 39.38 -4.02
N ILE E 97 -32.51 39.74 -4.09
CA ILE E 97 -32.13 41.14 -3.87
C ILE E 97 -32.83 42.05 -4.86
N SER E 98 -33.05 41.58 -6.09
CA SER E 98 -33.72 42.41 -7.08
C SER E 98 -35.16 42.72 -6.69
N LEU E 99 -35.91 41.70 -6.26
CA LEU E 99 -37.32 41.90 -5.96
C LEU E 99 -37.51 42.86 -4.79
N GLY E 100 -36.70 42.71 -3.74
CA GLY E 100 -36.72 43.63 -2.62
C GLY E 100 -37.98 43.59 -1.79
N VAL E 101 -38.23 42.49 -1.08
CA VAL E 101 -39.37 42.41 -0.18
C VAL E 101 -38.96 42.87 1.21
N THR E 102 -39.94 43.29 1.99
CA THR E 102 -39.69 43.72 3.36
C THR E 102 -39.41 42.51 4.25
N ILE E 103 -38.14 42.12 4.34
CA ILE E 103 -37.75 40.88 5.02
C ILE E 103 -36.79 41.22 6.15
N HIS E 104 -36.87 42.44 6.66
CA HIS E 104 -36.01 42.91 7.75
C HIS E 104 -34.60 43.13 7.25
N PHE E 105 -33.94 44.15 7.78
CA PHE E 105 -32.56 44.42 7.40
C PHE E 105 -31.62 43.27 7.75
N TYR E 106 -31.42 43.03 9.05
CA TYR E 106 -30.33 42.13 9.44
C TYR E 106 -30.46 40.77 8.75
N SER E 107 -31.68 40.32 8.48
CA SER E 107 -31.87 39.13 7.68
C SER E 107 -31.31 39.33 6.28
N CYS E 108 -31.54 40.50 5.67
CA CYS E 108 -31.16 40.69 4.29
C CYS E 108 -29.72 41.19 4.17
N LEU E 109 -29.24 41.92 5.18
CA LEU E 109 -27.79 42.16 5.25
C LEU E 109 -27.05 40.84 5.32
N PHE E 110 -27.57 39.89 6.10
CA PHE E 110 -27.00 38.55 6.12
C PHE E 110 -27.04 37.91 4.74
N MET E 111 -28.11 38.18 3.98
CA MET E 111 -28.18 37.67 2.61
C MET E 111 -26.99 38.17 1.79
N THR E 112 -26.65 39.45 1.94
CA THR E 112 -25.48 39.98 1.23
C THR E 112 -24.20 39.38 1.77
N CYS E 113 -24.05 39.31 3.09
CA CYS E 113 -22.80 38.81 3.66
C CYS E 113 -22.52 37.38 3.21
N LEU E 114 -23.56 36.56 3.07
CA LEU E 114 -23.36 35.23 2.51
C LEU E 114 -22.87 35.32 1.07
N MET E 115 -23.36 36.31 0.33
CA MET E 115 -23.04 36.41 -1.08
C MET E 115 -21.56 36.76 -1.29
N LEU E 116 -21.00 37.57 -0.40
CA LEU E 116 -19.60 37.96 -0.54
C LEU E 116 -18.66 36.80 -0.23
N ILE E 117 -18.96 36.02 0.80
CA ILE E 117 -18.00 35.02 1.26
C ILE E 117 -17.72 33.99 0.17
N PHE E 118 -18.78 33.52 -0.50
CA PHE E 118 -18.59 32.46 -1.48
C PHE E 118 -17.87 32.97 -2.72
N THR E 119 -18.22 34.17 -3.18
CA THR E 119 -17.47 34.76 -4.28
C THR E 119 -16.01 34.93 -3.92
N HIS E 120 -15.74 35.55 -2.76
CA HIS E 120 -14.36 35.74 -2.34
C HIS E 120 -13.67 34.42 -2.07
N ALA E 121 -14.43 33.38 -1.72
CA ALA E 121 -13.84 32.05 -1.60
C ALA E 121 -13.30 31.58 -2.94
N SER E 122 -14.08 31.77 -4.01
CA SER E 122 -13.60 31.41 -5.34
C SER E 122 -12.40 32.27 -5.74
N ILE E 123 -12.46 33.58 -5.44
CA ILE E 123 -11.33 34.44 -5.74
C ILE E 123 -10.09 33.98 -4.99
N MET E 124 -10.25 33.65 -3.71
CA MET E 124 -9.08 33.23 -2.95
C MET E 124 -8.52 31.91 -3.46
N SER E 125 -9.38 30.97 -3.85
CA SER E 125 -8.89 29.72 -4.42
C SER E 125 -8.10 29.99 -5.69
N LEU E 126 -8.49 31.01 -6.45
CA LEU E 126 -7.71 31.40 -7.63
C LEU E 126 -6.32 31.89 -7.23
N LEU E 127 -6.23 32.67 -6.16
CA LEU E 127 -4.93 33.09 -5.67
C LEU E 127 -4.10 31.92 -5.18
N ALA E 128 -4.71 30.96 -4.48
CA ALA E 128 -3.97 29.82 -3.99
C ALA E 128 -3.34 29.05 -5.15
N ILE E 129 -4.13 28.75 -6.19
CA ILE E 129 -3.62 28.01 -7.33
C ILE E 129 -2.48 28.77 -7.98
N ALA E 130 -2.65 30.08 -8.17
CA ALA E 130 -1.58 30.89 -8.74
C ALA E 130 -0.33 30.82 -7.87
N VAL E 131 -0.50 30.88 -6.54
CA VAL E 131 0.64 30.69 -5.67
C VAL E 131 1.14 29.25 -5.78
N ASP E 132 0.23 28.28 -5.84
CA ASP E 132 0.63 26.88 -5.94
C ASP E 132 1.57 26.66 -7.11
N ARG E 133 1.22 27.19 -8.29
CA ARG E 133 2.06 27.00 -9.46
C ARG E 133 3.42 27.67 -9.30
N TYR E 134 3.44 28.87 -8.71
CA TYR E 134 4.72 29.57 -8.56
C TYR E 134 5.68 28.78 -7.68
N LEU E 135 5.18 28.19 -6.60
CA LEU E 135 6.03 27.36 -5.76
C LEU E 135 6.60 26.19 -6.55
N ARG E 136 5.77 25.56 -7.38
CA ARG E 136 6.21 24.39 -8.13
C ARG E 136 7.45 24.72 -8.96
N VAL E 137 7.40 25.80 -9.74
CA VAL E 137 8.53 26.13 -10.61
C VAL E 137 9.72 26.60 -9.80
N LYS E 138 9.50 27.50 -8.84
CA LYS E 138 10.61 28.15 -8.16
C LYS E 138 11.29 27.26 -7.13
N LEU E 139 10.56 26.35 -6.48
CA LEU E 139 11.20 25.46 -5.52
C LEU E 139 12.02 24.38 -6.21
N THR E 140 11.67 24.02 -7.43
CA THR E 140 12.39 23.02 -8.23
C THR E 140 12.20 21.67 -7.56
N VAL E 141 13.26 20.98 -7.12
CA VAL E 141 13.10 19.65 -6.57
C VAL E 141 12.40 19.69 -5.21
N ARG E 142 12.69 20.71 -4.41
CA ARG E 142 12.22 20.75 -3.02
C ARG E 142 10.73 20.94 -2.90
N TYR E 143 10.01 21.24 -3.99
CA TYR E 143 8.58 21.51 -3.88
C TYR E 143 7.86 20.39 -3.18
N ARG E 144 8.06 19.14 -3.63
CA ARG E 144 7.37 18.02 -3.02
C ARG E 144 7.79 17.78 -1.58
N ARG E 145 8.98 18.23 -1.19
CA ARG E 145 9.47 18.05 0.17
C ARG E 145 9.00 19.14 1.12
N VAL E 146 8.39 20.21 0.62
CA VAL E 146 7.93 21.30 1.45
C VAL E 146 6.40 21.38 1.51
N THR E 147 5.71 21.17 0.40
CA THR E 147 4.25 21.26 0.34
C THR E 147 3.67 19.94 0.81
N THR E 148 3.71 19.72 2.12
CA THR E 148 3.16 18.53 2.74
C THR E 148 1.65 18.68 2.89
N GLN E 149 0.96 17.54 3.01
CA GLN E 149 -0.49 17.57 3.16
C GLN E 149 -0.90 18.43 4.35
N ARG E 150 -0.05 18.49 5.38
CA ARG E 150 -0.33 19.38 6.51
C ARG E 150 -0.47 20.82 6.03
N ARG E 151 0.52 21.32 5.28
CA ARG E 151 0.52 22.72 4.89
C ARG E 151 -0.49 23.01 3.79
N ILE E 152 -0.83 22.02 2.96
CA ILE E 152 -1.88 22.25 1.96
C ILE E 152 -3.20 22.55 2.64
N TRP E 153 -3.57 21.74 3.63
CA TRP E 153 -4.78 22.03 4.39
C TRP E 153 -4.62 23.30 5.21
N LEU E 154 -3.42 23.57 5.72
CA LEU E 154 -3.20 24.81 6.46
C LEU E 154 -3.49 26.03 5.60
N ALA E 155 -2.90 26.11 4.42
CA ALA E 155 -3.16 27.23 3.52
C ALA E 155 -4.60 27.22 3.01
N LEU E 156 -5.13 26.05 2.70
CA LEU E 156 -6.50 25.96 2.20
C LEU E 156 -7.48 26.50 3.23
N GLY E 157 -7.31 26.14 4.50
CA GLY E 157 -8.18 26.67 5.54
C GLY E 157 -7.99 28.17 5.73
N LEU E 158 -6.74 28.63 5.73
CA LEU E 158 -6.48 30.06 5.90
C LEU E 158 -7.19 30.88 4.83
N CYS E 159 -7.22 30.39 3.59
CA CYS E 159 -7.88 31.12 2.53
C CYS E 159 -9.39 31.14 2.74
N TRP E 160 -10.01 29.99 3.02
CA TRP E 160 -11.44 29.98 3.27
C TRP E 160 -11.80 30.79 4.50
N LEU E 161 -10.97 30.71 5.55
CA LEU E 161 -11.28 31.42 6.79
C LEU E 161 -11.35 32.93 6.56
N VAL E 162 -10.37 33.48 5.84
CA VAL E 162 -10.37 34.92 5.59
C VAL E 162 -11.59 35.32 4.78
N SER E 163 -12.04 34.46 3.86
CA SER E 163 -13.23 34.78 3.07
C SER E 163 -14.43 35.03 3.97
N PHE E 164 -14.63 34.16 4.96
CA PHE E 164 -15.73 34.37 5.90
C PHE E 164 -15.54 35.67 6.68
N LEU E 165 -14.31 35.93 7.13
CA LEU E 165 -14.05 37.14 7.91
C LEU E 165 -14.35 38.38 7.09
N VAL E 166 -13.92 38.40 5.83
CA VAL E 166 -14.15 39.56 4.98
C VAL E 166 -15.64 39.75 4.71
N GLY E 167 -16.34 38.65 4.39
CA GLY E 167 -17.74 38.76 4.04
C GLY E 167 -18.66 39.06 5.20
N LEU E 168 -18.31 38.61 6.40
CA LEU E 168 -19.11 38.83 7.58
C LEU E 168 -18.71 40.08 8.35
N THR E 169 -17.71 40.82 7.87
CA THR E 169 -17.34 42.08 8.51
C THR E 169 -18.51 43.06 8.59
N PRO E 170 -19.40 43.17 7.60
CA PRO E 170 -20.46 44.18 7.70
C PRO E 170 -21.29 44.07 8.97
N MET E 171 -21.40 42.88 9.54
CA MET E 171 -22.14 42.70 10.79
C MET E 171 -21.42 43.28 11.99
N PHE E 172 -20.15 43.70 11.83
CA PHE E 172 -19.32 44.13 12.95
C PHE E 172 -19.00 45.63 12.90
N GLY E 173 -19.95 46.44 12.45
CA GLY E 173 -19.84 47.88 12.61
C GLY E 173 -20.04 48.71 11.35
N TRP E 174 -19.55 48.24 10.21
CA TRP E 174 -19.68 49.02 8.97
C TRP E 174 -20.95 48.59 8.26
N ASN E 175 -21.99 49.38 8.44
CA ASN E 175 -23.25 49.20 7.72
C ASN E 175 -24.05 50.49 7.90
N MET E 176 -25.13 50.60 7.12
CA MET E 176 -25.80 51.89 6.97
C MET E 176 -26.22 52.48 8.33
N LYS E 177 -26.52 51.62 9.31
CA LYS E 177 -26.87 52.12 10.64
C LYS E 177 -25.76 52.94 11.27
N LEU E 178 -24.49 52.61 11.01
CA LEU E 178 -23.46 53.42 11.63
C LEU E 178 -23.54 54.87 11.14
N SER E 179 -24.25 55.12 10.04
CA SER E 179 -24.55 56.48 9.60
C SER E 179 -26.03 56.74 9.33
N SER E 180 -26.87 55.71 9.26
CA SER E 180 -28.27 55.92 8.91
C SER E 180 -29.02 56.69 10.00
N ALA E 181 -29.91 57.57 9.56
CA ALA E 181 -30.71 58.39 10.48
C ALA E 181 -32.09 57.80 10.76
N ASP E 182 -32.50 56.74 10.07
CA ASP E 182 -33.81 56.13 10.30
C ASP E 182 -33.63 55.04 11.35
N GLU E 183 -34.02 55.34 12.58
CA GLU E 183 -33.77 54.43 13.70
C GLU E 183 -34.67 53.21 13.66
N ASN E 184 -35.89 53.35 13.14
CA ASN E 184 -36.78 52.20 12.97
C ASN E 184 -36.51 51.46 11.67
N LEU E 185 -35.30 51.57 11.13
CA LEU E 185 -34.97 51.01 9.82
C LEU E 185 -34.69 49.52 9.97
N THR E 186 -35.67 48.82 10.54
CA THR E 186 -35.56 47.39 10.84
C THR E 186 -36.34 46.54 9.86
N PHE E 187 -37.46 47.05 9.34
CA PHE E 187 -38.15 46.45 8.20
C PHE E 187 -38.08 47.41 7.02
N LEU E 188 -37.81 46.85 5.85
CA LEU E 188 -37.68 47.62 4.63
C LEU E 188 -37.55 46.65 3.46
N PRO E 189 -38.03 47.02 2.28
CA PRO E 189 -37.77 46.19 1.10
C PRO E 189 -36.31 46.33 0.69
N CYS E 190 -35.52 45.31 0.98
CA CYS E 190 -34.07 45.47 1.00
C CYS E 190 -33.54 45.52 -0.41
N ARG E 191 -32.86 46.63 -0.71
CA ARG E 191 -32.12 46.81 -1.94
C ARG E 191 -30.64 46.82 -1.59
N PHE E 192 -29.81 46.24 -2.46
CA PHE E 192 -28.40 46.11 -2.11
C PHE E 192 -27.78 47.44 -1.73
N ARG E 193 -28.28 48.53 -2.30
CA ARG E 193 -27.85 49.86 -1.89
C ARG E 193 -28.42 50.27 -0.53
N SER E 194 -29.49 49.63 -0.08
CA SER E 194 -30.16 50.04 1.14
C SER E 194 -29.50 49.49 2.40
N VAL E 195 -28.55 48.55 2.28
CA VAL E 195 -28.04 47.80 3.40
C VAL E 195 -26.56 48.02 3.62
N MET E 196 -25.76 48.01 2.55
CA MET E 196 -24.31 48.00 2.67
C MET E 196 -23.76 49.38 2.31
N ARG E 197 -22.98 49.96 3.21
CA ARG E 197 -22.38 51.29 2.97
C ARG E 197 -21.42 51.10 1.81
N MET E 198 -21.38 52.06 0.89
CA MET E 198 -20.58 51.90 -0.34
C MET E 198 -19.11 51.92 0.01
N ASP E 199 -18.71 52.78 0.92
CA ASP E 199 -17.28 52.93 1.24
C ASP E 199 -16.70 51.53 1.42
N TYR E 200 -17.52 50.54 1.77
CA TYR E 200 -17.03 49.20 2.05
C TYR E 200 -16.72 48.44 0.77
N MET E 201 -17.66 48.40 -0.17
CA MET E 201 -17.47 47.61 -1.38
C MET E 201 -16.34 48.13 -2.24
N VAL E 202 -15.85 49.35 -2.00
CA VAL E 202 -14.79 49.92 -2.80
C VAL E 202 -13.48 49.87 -2.03
N TYR E 203 -13.45 50.49 -0.86
CA TYR E 203 -12.19 50.57 -0.11
C TYR E 203 -11.71 49.21 0.35
N PHE E 204 -12.62 48.33 0.80
CA PHE E 204 -12.23 47.07 1.41
C PHE E 204 -12.35 45.89 0.45
N SER E 205 -13.54 45.62 -0.06
CA SER E 205 -13.75 44.42 -0.87
C SER E 205 -12.96 44.49 -2.17
N PHE E 206 -13.22 45.52 -2.97
CA PHE E 206 -12.62 45.59 -4.29
C PHE E 206 -11.13 45.91 -4.22
N PHE E 207 -10.74 46.87 -3.40
CA PHE E 207 -9.37 47.36 -3.43
C PHE E 207 -8.38 46.40 -2.78
N LEU E 208 -8.83 45.48 -1.94
CA LEU E 208 -7.93 44.63 -1.18
C LEU E 208 -8.11 43.13 -1.43
N TRP E 209 -9.30 42.70 -1.84
CA TRP E 209 -9.56 41.28 -2.03
C TRP E 209 -10.08 40.94 -3.42
N ILE E 210 -10.11 41.89 -4.34
CA ILE E 210 -10.38 41.61 -5.74
C ILE E 210 -9.23 42.16 -6.58
N LEU E 211 -8.79 43.38 -6.27
CA LEU E 211 -7.71 43.98 -7.02
C LEU E 211 -6.36 43.35 -6.70
N VAL E 212 -5.95 43.36 -5.44
CA VAL E 212 -4.64 42.86 -5.06
C VAL E 212 -4.47 41.43 -5.55
N PRO E 213 -5.49 40.56 -5.42
CA PRO E 213 -5.39 39.25 -6.10
C PRO E 213 -5.08 39.37 -7.58
N LEU E 214 -5.72 40.29 -8.29
CA LEU E 214 -5.41 40.45 -9.71
C LEU E 214 -3.97 40.91 -9.90
N VAL E 215 -3.49 41.83 -9.06
CA VAL E 215 -2.13 42.32 -9.21
C VAL E 215 -1.13 41.21 -8.97
N VAL E 216 -1.32 40.42 -7.90
CA VAL E 216 -0.34 39.41 -7.55
C VAL E 216 -0.35 38.28 -8.58
N MET E 217 -1.52 37.78 -8.96
CA MET E 217 -1.56 36.72 -9.96
C MET E 217 -0.89 37.16 -11.25
N CYS E 218 -0.89 38.46 -11.53
CA CYS E 218 -0.20 38.96 -12.72
C CYS E 218 1.31 38.81 -12.57
N ALA E 219 1.86 39.26 -11.44
CA ALA E 219 3.30 39.18 -11.25
C ALA E 219 3.76 37.73 -11.18
N ILE E 220 2.89 36.83 -10.71
CA ILE E 220 3.24 35.42 -10.65
C ILE E 220 3.38 34.85 -12.05
N TYR E 221 2.30 34.87 -12.83
CA TYR E 221 2.34 34.26 -14.15
C TYR E 221 3.37 34.93 -15.04
N PHE E 222 3.77 36.16 -14.72
CA PHE E 222 4.85 36.79 -15.47
C PHE E 222 6.18 36.07 -15.22
N ASP E 223 6.52 35.86 -13.95
CA ASP E 223 7.80 35.22 -13.65
C ASP E 223 7.78 33.73 -14.03
N ILE E 224 6.64 33.07 -13.89
CA ILE E 224 6.55 31.67 -14.30
C ILE E 224 6.82 31.54 -15.79
N PHE E 225 6.18 32.38 -16.60
CA PHE E 225 6.41 32.32 -18.04
C PHE E 225 7.81 32.80 -18.39
N TYR E 226 8.34 33.75 -17.64
CA TYR E 226 9.69 34.24 -17.90
C TYR E 226 10.73 33.14 -17.66
N ILE E 227 10.55 32.36 -16.60
CA ILE E 227 11.51 31.30 -16.29
C ILE E 227 11.36 30.14 -17.27
N ILE E 228 10.13 29.68 -17.49
CA ILE E 228 9.93 28.51 -18.35
C ILE E 228 10.47 28.78 -19.75
N ARG E 229 10.27 30.00 -20.26
CA ARG E 229 10.88 30.38 -21.53
C ARG E 229 12.41 30.36 -21.42
N ASN E 230 12.94 30.85 -20.30
CA ASN E 230 14.39 30.88 -20.13
C ASN E 230 14.97 29.46 -20.14
N ARG E 231 14.28 28.51 -19.50
CA ARG E 231 14.77 27.13 -19.47
C ARG E 231 14.59 26.46 -20.83
N LEU E 232 13.39 26.54 -21.40
CA LEU E 232 13.12 25.92 -22.69
C LEU E 232 13.82 26.67 -23.81
N GLU E 249 6.65 26.69 -26.07
CA GLU E 249 6.49 27.49 -24.87
C GLU E 249 5.23 28.34 -24.92
N PHE E 250 4.86 28.75 -26.13
CA PHE E 250 3.71 29.63 -26.28
C PHE E 250 2.41 28.98 -25.85
N LYS E 251 2.36 27.64 -25.78
CA LYS E 251 1.20 26.99 -25.18
C LYS E 251 1.09 27.36 -23.71
N THR E 252 2.23 27.46 -23.02
CA THR E 252 2.22 27.93 -21.64
C THR E 252 1.69 29.36 -21.55
N ALA E 253 2.13 30.23 -22.47
CA ALA E 253 1.64 31.60 -22.46
C ALA E 253 0.14 31.65 -22.70
N LYS E 254 -0.36 30.85 -23.65
CA LYS E 254 -1.78 30.90 -23.98
C LYS E 254 -2.64 30.56 -22.78
N SER E 255 -2.21 29.57 -21.99
CA SER E 255 -2.99 29.18 -20.81
C SER E 255 -2.92 30.27 -19.74
N LEU E 256 -1.72 30.77 -19.44
CA LEU E 256 -1.58 31.73 -18.36
C LEU E 256 -2.40 32.99 -18.61
N LEU E 257 -2.25 33.59 -19.80
CA LEU E 257 -3.00 34.81 -20.09
C LEU E 257 -4.49 34.53 -20.26
N LEU E 258 -4.85 33.32 -20.66
CA LEU E 258 -6.26 32.95 -20.65
C LEU E 258 -6.82 32.99 -19.24
N VAL E 259 -5.96 32.82 -18.23
CA VAL E 259 -6.39 32.88 -16.85
C VAL E 259 -6.53 34.33 -16.39
N LEU E 260 -5.45 35.10 -16.47
CA LEU E 260 -5.49 36.48 -15.98
C LEU E 260 -6.57 37.28 -16.69
N PHE E 261 -6.65 37.15 -18.02
CA PHE E 261 -7.64 37.92 -18.76
C PHE E 261 -9.06 37.56 -18.35
N LEU E 262 -9.38 36.28 -18.30
CA LEU E 262 -10.77 35.89 -18.04
C LEU E 262 -11.18 36.20 -16.61
N PHE E 263 -10.24 36.11 -15.66
CA PHE E 263 -10.52 36.53 -14.29
C PHE E 263 -10.88 38.02 -14.25
N ALA E 264 -10.06 38.86 -14.87
CA ALA E 264 -10.30 40.30 -14.81
C ALA E 264 -11.60 40.67 -15.54
N LEU E 265 -11.93 39.96 -16.61
CA LEU E 265 -13.10 40.31 -17.40
C LEU E 265 -14.38 40.20 -16.59
N CYS E 266 -14.40 39.37 -15.56
CA CYS E 266 -15.64 39.08 -14.84
C CYS E 266 -15.81 39.90 -13.58
N TRP E 267 -14.73 40.39 -12.98
CA TRP E 267 -14.79 41.07 -11.69
C TRP E 267 -14.65 42.58 -11.79
N LEU E 268 -13.68 43.08 -12.55
CA LEU E 268 -13.46 44.52 -12.66
C LEU E 268 -14.71 45.26 -13.14
N PRO E 269 -15.48 44.72 -14.10
CA PRO E 269 -16.64 45.48 -14.59
C PRO E 269 -17.53 45.99 -13.47
N LEU E 270 -18.05 45.09 -12.64
CA LEU E 270 -18.88 45.54 -11.52
C LEU E 270 -18.09 46.40 -10.55
N SER E 271 -16.82 46.06 -10.29
CA SER E 271 -16.05 46.84 -9.34
C SER E 271 -15.92 48.29 -9.77
N ILE E 272 -15.58 48.53 -11.03
CA ILE E 272 -15.47 49.92 -11.49
C ILE E 272 -16.84 50.58 -11.50
N ILE E 273 -17.93 49.82 -11.73
CA ILE E 273 -19.31 50.37 -11.66
C ILE E 273 -19.51 50.85 -10.23
N ASN E 274 -19.00 50.10 -9.26
CA ASN E 274 -19.19 50.44 -7.84
C ASN E 274 -18.09 51.42 -7.45
N CYS E 275 -17.07 51.60 -8.28
CA CYS E 275 -16.03 52.62 -8.00
C CYS E 275 -16.63 53.97 -8.37
N ILE E 276 -17.36 54.06 -9.47
CA ILE E 276 -17.89 55.32 -9.98
C ILE E 276 -19.13 55.74 -9.21
N LEU E 277 -20.01 54.78 -8.89
CA LEU E 277 -21.23 55.10 -8.15
C LEU E 277 -20.93 55.65 -6.77
N TYR E 278 -19.88 55.16 -6.11
CA TYR E 278 -19.47 55.67 -4.81
C TYR E 278 -18.92 57.08 -4.88
N PHE E 279 -18.40 57.50 -6.04
CA PHE E 279 -17.85 58.83 -6.23
C PHE E 279 -18.83 59.79 -6.89
N ASP E 280 -20.12 59.67 -6.58
CA ASP E 280 -21.13 60.61 -7.03
C ASP E 280 -21.47 60.39 -8.50
N GLY E 281 -21.17 59.20 -9.02
CA GLY E 281 -21.53 58.85 -10.38
C GLY E 281 -22.92 58.24 -10.47
N GLN E 282 -23.35 58.00 -11.70
CA GLN E 282 -24.63 57.37 -11.96
C GLN E 282 -24.46 56.31 -13.04
N VAL E 283 -25.31 55.29 -13.00
CA VAL E 283 -25.16 54.13 -13.87
C VAL E 283 -26.52 53.65 -14.34
N PRO E 284 -26.69 53.37 -15.64
CA PRO E 284 -27.96 52.81 -16.10
C PRO E 284 -28.21 51.43 -15.49
N GLN E 285 -29.50 51.09 -15.38
CA GLN E 285 -29.87 49.82 -14.76
C GLN E 285 -29.28 48.64 -15.53
N THR E 286 -29.29 48.70 -16.86
CA THR E 286 -28.71 47.62 -17.64
C THR E 286 -27.22 47.47 -17.35
N VAL E 287 -26.50 48.58 -17.23
CA VAL E 287 -25.06 48.52 -16.97
C VAL E 287 -24.80 47.85 -15.63
N LEU E 288 -25.57 48.21 -14.60
CA LEU E 288 -25.40 47.57 -13.30
C LEU E 288 -25.62 46.07 -13.41
N TYR E 289 -26.67 45.67 -14.12
CA TYR E 289 -26.89 44.24 -14.36
C TYR E 289 -25.71 43.62 -15.11
N LEU E 290 -25.03 44.40 -15.94
CA LEU E 290 -23.92 43.86 -16.73
C LEU E 290 -22.82 43.36 -15.82
N GLY E 291 -22.42 44.16 -14.82
CA GLY E 291 -21.33 43.76 -13.96
C GLY E 291 -21.65 42.50 -13.17
N ILE E 292 -22.89 42.36 -12.72
CA ILE E 292 -23.25 41.22 -11.88
C ILE E 292 -23.16 39.93 -12.68
N LEU E 293 -23.74 39.91 -13.87
CA LEU E 293 -23.79 38.67 -14.64
C LEU E 293 -22.39 38.20 -15.03
N LEU E 294 -21.48 39.13 -15.33
CA LEU E 294 -20.13 38.75 -15.68
C LEU E 294 -19.44 38.05 -14.52
N SER E 295 -19.60 38.57 -13.30
CA SER E 295 -18.99 37.95 -12.14
C SER E 295 -19.50 36.52 -11.94
N HIS E 296 -20.82 36.36 -11.96
CA HIS E 296 -21.39 35.03 -11.72
C HIS E 296 -21.11 34.07 -12.86
N ALA E 297 -20.81 34.57 -14.05
CA ALA E 297 -20.37 33.71 -15.14
C ALA E 297 -18.96 33.17 -14.92
N ASN E 298 -18.18 33.81 -14.05
CA ASN E 298 -16.86 33.31 -13.75
C ASN E 298 -16.93 31.92 -13.11
N SER E 299 -17.91 31.71 -12.22
CA SER E 299 -18.02 30.44 -11.53
C SER E 299 -18.24 29.29 -12.51
N MET E 300 -19.19 29.45 -13.44
CA MET E 300 -19.52 28.41 -14.45
C MET E 300 -18.45 28.37 -15.54
N MET E 301 -17.63 29.42 -15.67
CA MET E 301 -16.55 29.50 -16.69
C MET E 301 -15.26 28.95 -16.08
N ASN E 302 -15.14 28.94 -14.74
CA ASN E 302 -13.89 28.53 -14.05
C ASN E 302 -13.50 27.10 -14.44
N PRO E 303 -14.40 26.09 -14.42
CA PRO E 303 -13.98 24.71 -14.70
C PRO E 303 -13.20 24.55 -15.99
N ILE E 304 -13.59 25.26 -17.05
CA ILE E 304 -13.06 24.96 -18.38
C ILE E 304 -11.67 25.52 -18.60
N VAL E 305 -11.26 26.54 -17.84
CA VAL E 305 -9.96 27.18 -18.05
C VAL E 305 -8.91 26.73 -17.04
N TYR E 306 -9.31 26.02 -15.98
CA TYR E 306 -8.37 25.52 -15.00
C TYR E 306 -8.30 24.00 -14.97
N ALA E 307 -9.43 23.32 -14.80
CA ALA E 307 -9.43 21.86 -14.76
C ALA E 307 -9.28 21.23 -16.13
N TYR E 308 -9.83 21.85 -17.17
CA TYR E 308 -9.81 21.28 -18.50
C TYR E 308 -8.47 21.45 -19.21
N LYS E 309 -7.55 22.22 -18.65
CA LYS E 309 -6.22 22.36 -19.21
C LYS E 309 -5.22 21.34 -18.66
N ILE E 310 -5.65 20.47 -17.77
CA ILE E 310 -4.84 19.34 -17.33
C ILE E 310 -5.18 18.14 -18.18
N LYS E 311 -4.18 17.61 -18.88
CA LYS E 311 -4.44 16.49 -19.78
C LYS E 311 -5.09 15.33 -19.02
N LYS E 312 -4.49 14.91 -17.90
CA LYS E 312 -5.03 13.77 -17.17
C LYS E 312 -6.51 13.95 -16.90
N PHE E 313 -6.93 15.18 -16.58
CA PHE E 313 -8.35 15.46 -16.48
C PHE E 313 -9.04 15.28 -17.83
N LYS E 314 -8.39 15.69 -18.92
CA LYS E 314 -9.09 15.74 -20.20
C LYS E 314 -9.60 14.38 -20.63
N GLU E 315 -8.72 13.36 -20.68
CA GLU E 315 -9.21 12.05 -21.08
C GLU E 315 -10.16 11.48 -20.03
N THR E 316 -9.83 11.66 -18.74
CA THR E 316 -10.72 11.19 -17.69
C THR E 316 -12.12 11.73 -17.89
N TYR E 317 -12.23 13.04 -18.16
CA TYR E 317 -13.51 13.61 -18.52
C TYR E 317 -14.06 13.00 -19.80
N LEU E 318 -13.20 12.82 -20.81
CA LEU E 318 -13.66 12.24 -22.06
C LEU E 318 -14.02 10.77 -21.88
N LEU E 319 -13.26 10.05 -21.05
CA LEU E 319 -13.56 8.64 -20.81
C LEU E 319 -14.94 8.47 -20.20
N ILE E 320 -15.28 9.29 -19.21
CA ILE E 320 -16.57 9.18 -18.55
C ILE E 320 -17.67 9.63 -19.50
#